data_8IUY
#
_entry.id   8IUY
#
_cell.length_a   1.00
_cell.length_b   1.00
_cell.length_c   1.00
_cell.angle_alpha   90.00
_cell.angle_beta   90.00
_cell.angle_gamma   90.00
#
_symmetry.space_group_name_H-M   'P 1'
#
loop_
_entity.id
_entity.type
_entity.pdbx_description
1 polymer Hemagglutinin
2 polymer '1H9 Fab heavy chain'
3 polymer '1H9 Fab light chain'
4 non-polymer 2-acetamido-2-deoxy-beta-D-glucopyranose
#
loop_
_entity_poly.entity_id
_entity_poly.type
_entity_poly.pdbx_seq_one_letter_code
_entity_poly.pdbx_strand_id
1 'polypeptide(L)'
;DKICLGHHAVSNGTKVNTLTERGVEVVNATETVERTNTPRICSKGKRTVDLGQCGLLGTITGPPQCDQFLEFSADLIIER
REGSDVCYPGKFVNEEALRQILRESGGIDKESMGFTYNGIRTNGVTSACRRSGSSFYAEMKWLLSNTDNAAFPQMTKSYK
NTRESPAIIVWGIHHSVSTAEQTKLYGSGNKLVTVGSSNYQQSFVPSPGARPQVNGLSGRIDFHWLILNPNDTVTFSFNG
AFIAPDRASFLRGKSMGIQSGVQVDANCEGDCYHSGGTIISNLPFQNIDSRAVGKCPRYVKQRSLLLATGMKNVPEVPKG
KRTARGLFGAIAGFIENGWEGLIDGWYGFRHQNAQGEGTAADYKSTQSAIDQITGKLNRLIAKTNQQFKLIDNEFNEVEK
QIGNVINWTRDSITEVWSYNAELLVAMENQHTIDLADSEMDKLYERVKRQLRENAEEDGTGCFEIFHKCDDDCMASIRNN
TYDHRKYREEAMQN
;
A
2 'polypeptide(L)'
;MVQLQESGPGLVKPSQSLSLTCTVTGYSITSDYTWNWIRQFPGNKLEWMGYITYSDTTSYNPSLKSRISITRDTSKNQFF
LQLNSVTTEDTATYYCARSDGWYGFAYWGQGTLVTVSA
;
B
3 'polypeptide(L)'
;DIQMNQSPSSLSASLGDTITITCHASQNINVWLSWYQQKPGNIPKLLIYKAFDLHTGVPSRFSGSGSGTGFTLTISSLQP
EDIATYYCQQGQTYPFTFGGGTKLEIK
;
C
#
loop_
_chem_comp.id
_chem_comp.type
_chem_comp.name
_chem_comp.formula
NAG D-saccharide, beta linking 2-acetamido-2-deoxy-beta-D-glucopyranose 'C8 H15 N O6'
#
# COMPACT_ATOMS: atom_id res chain seq x y z
N ASP A 1 39.09 16.45 63.57
CA ASP A 1 38.42 15.39 64.31
C ASP A 1 37.36 14.76 63.40
N LYS A 2 36.10 14.72 63.83
CA LYS A 2 35.06 13.98 63.13
C LYS A 2 34.61 14.74 61.90
N ILE A 3 34.52 14.01 60.79
CA ILE A 3 34.34 14.53 59.43
C ILE A 3 33.24 13.66 58.83
N CYS A 4 31.97 14.07 58.97
CA CYS A 4 30.84 13.15 58.78
C CYS A 4 30.31 13.16 57.35
N LEU A 5 29.43 12.22 57.04
CA LEU A 5 29.19 11.85 55.65
C LEU A 5 27.90 11.03 55.55
N GLY A 6 27.64 10.48 54.36
CA GLY A 6 26.40 9.82 54.01
C GLY A 6 26.39 9.44 52.54
N HIS A 7 25.23 9.68 51.89
CA HIS A 7 25.12 9.89 50.44
C HIS A 7 23.76 10.59 50.14
N HIS A 8 23.40 10.76 48.84
CA HIS A 8 22.25 11.54 48.34
C HIS A 8 20.90 10.94 48.79
N ALA A 9 19.81 11.64 48.42
CA ALA A 9 18.43 11.13 48.45
C ALA A 9 17.55 12.05 47.61
N VAL A 10 16.42 11.53 47.09
CA VAL A 10 15.44 12.36 46.39
C VAL A 10 14.05 12.01 46.90
N SER A 11 13.04 12.81 46.53
CA SER A 11 11.78 12.80 47.27
C SER A 11 10.64 12.06 46.56
N ASN A 12 10.82 11.59 45.33
CA ASN A 12 9.81 10.72 44.71
C ASN A 12 10.41 9.59 43.88
N GLY A 13 10.13 8.34 44.30
CA GLY A 13 10.24 7.17 43.47
C GLY A 13 8.89 6.51 43.25
N THR A 14 8.85 5.54 42.34
CA THR A 14 7.59 4.95 41.88
C THR A 14 7.68 3.42 41.81
N LYS A 15 6.54 2.79 41.57
CA LYS A 15 6.34 1.33 41.69
C LYS A 15 7.15 0.59 40.65
N VAL A 16 7.41 -0.71 40.89
CA VAL A 16 7.92 -1.70 39.93
C VAL A 16 7.45 -3.09 40.37
N ASN A 17 7.72 -4.09 39.53
CA ASN A 17 7.52 -5.50 39.88
C ASN A 17 8.84 -6.26 39.91
N THR A 18 9.13 -6.89 41.02
CA THR A 18 10.31 -7.70 41.26
C THR A 18 9.91 -9.16 41.00
N LEU A 19 10.75 -10.11 41.44
CA LEU A 19 10.30 -11.49 41.57
C LEU A 19 9.53 -11.71 42.86
N THR A 20 9.92 -11.03 43.93
CA THR A 20 9.50 -11.33 45.28
C THR A 20 8.76 -10.22 46.01
N GLU A 21 8.19 -9.25 45.31
CA GLU A 21 7.69 -8.02 45.92
C GLU A 21 6.87 -7.26 44.90
N ARG A 22 5.92 -6.44 45.36
CA ARG A 22 5.16 -5.59 44.45
C ARG A 22 5.26 -4.13 44.91
N GLY A 23 5.55 -3.23 43.97
CA GLY A 23 5.46 -1.80 44.19
C GLY A 23 6.46 -1.17 45.14
N VAL A 24 7.71 -1.02 44.72
CA VAL A 24 8.77 -0.48 45.56
C VAL A 24 8.84 1.03 45.28
N GLU A 25 9.63 1.78 46.06
CA GLU A 25 9.94 3.18 45.74
C GLU A 25 11.18 3.26 44.86
N VAL A 26 10.99 3.14 43.56
CA VAL A 26 12.14 3.24 42.64
C VAL A 26 11.94 4.49 41.78
N VAL A 27 13.04 5.25 41.60
CA VAL A 27 13.05 6.62 41.11
C VAL A 27 12.35 6.75 39.76
N ASN A 28 12.73 5.92 38.81
CA ASN A 28 12.17 6.00 37.48
C ASN A 28 11.45 4.74 37.07
N ALA A 29 11.02 4.77 35.82
CA ALA A 29 10.63 3.64 35.02
C ALA A 29 10.44 4.15 33.62
N THR A 30 10.28 3.24 32.66
CA THR A 30 9.67 3.66 31.42
C THR A 30 8.87 2.49 30.94
N GLU A 31 7.86 2.75 30.12
CA GLU A 31 7.05 1.67 29.62
C GLU A 31 7.89 0.80 28.71
N THR A 32 7.59 -0.48 28.73
CA THR A 32 8.20 -1.44 27.84
C THR A 32 7.13 -1.92 26.88
N VAL A 33 5.89 -1.60 27.19
CA VAL A 33 4.81 -1.93 26.31
C VAL A 33 4.31 -0.63 25.75
N GLU A 34 4.38 -0.49 24.44
CA GLU A 34 3.88 0.72 23.81
C GLU A 34 2.38 0.57 23.62
N ARG A 35 1.64 1.62 23.96
CA ARG A 35 0.19 1.66 23.80
C ARG A 35 -0.27 2.64 22.74
N THR A 36 0.52 3.66 22.44
CA THR A 36 0.09 4.81 21.63
C THR A 36 0.49 4.62 20.18
N ASN A 37 -0.46 4.29 19.33
CA ASN A 37 -0.14 4.22 17.91
C ASN A 37 -0.14 5.61 17.28
N THR A 38 0.45 5.65 16.09
CA THR A 38 0.33 6.79 15.18
C THR A 38 -0.74 6.47 14.16
N PRO A 39 -1.94 7.04 14.25
CA PRO A 39 -3.10 6.53 13.51
C PRO A 39 -3.12 6.84 12.02
N ARG A 40 -1.97 6.65 11.36
CA ARG A 40 -1.77 6.96 9.95
C ARG A 40 -0.67 6.04 9.43
N ILE A 41 -0.85 5.56 8.20
CA ILE A 41 0.07 4.63 7.57
C ILE A 41 1.32 5.40 7.17
N CYS A 42 2.37 5.31 7.97
CA CYS A 42 3.58 6.09 7.77
C CYS A 42 4.44 5.46 6.68
N SER A 43 4.42 6.02 5.47
CA SER A 43 5.07 5.34 4.34
C SER A 43 6.03 6.24 3.58
N LYS A 44 6.84 7.02 4.31
CA LYS A 44 7.98 7.69 3.69
C LYS A 44 9.04 6.68 3.31
N GLY A 45 9.60 6.82 2.12
CA GLY A 45 10.73 6.01 1.71
C GLY A 45 10.35 4.71 1.05
N LYS A 46 9.06 4.43 0.94
CA LYS A 46 8.58 3.22 0.32
C LYS A 46 7.56 3.64 -0.71
N ARG A 47 7.72 3.21 -1.95
CA ARG A 47 6.60 3.45 -2.85
C ARG A 47 5.48 2.51 -2.48
N THR A 48 4.29 3.07 -2.40
CA THR A 48 3.20 2.55 -1.58
C THR A 48 1.98 2.50 -2.48
N VAL A 49 1.16 1.48 -2.31
CA VAL A 49 -0.11 1.40 -3.01
C VAL A 49 -1.21 1.25 -1.97
N ASP A 50 -1.97 2.31 -1.76
CA ASP A 50 -3.24 2.25 -1.03
C ASP A 50 -4.30 1.80 -2.04
N LEU A 51 -4.69 0.53 -1.95
CA LEU A 51 -5.60 -0.02 -2.94
C LEU A 51 -7.02 0.47 -2.74
N GLY A 52 -7.30 1.06 -1.58
CA GLY A 52 -8.54 1.80 -1.34
C GLY A 52 -9.77 0.91 -1.51
N GLN A 53 -10.54 1.18 -2.56
CA GLN A 53 -11.67 0.31 -2.83
C GLN A 53 -11.31 -0.89 -3.68
N CYS A 54 -10.07 -1.00 -4.17
CA CYS A 54 -9.64 -2.21 -4.83
C CYS A 54 -9.35 -3.28 -3.79
N GLY A 55 -9.66 -4.52 -4.12
CA GLY A 55 -9.21 -5.62 -3.30
C GLY A 55 -8.04 -6.33 -3.94
N LEU A 56 -7.07 -6.69 -3.10
CA LEU A 56 -5.73 -7.09 -3.53
C LEU A 56 -5.72 -8.29 -4.48
N LEU A 57 -6.73 -9.12 -4.46
CA LEU A 57 -6.85 -10.15 -5.47
C LEU A 57 -7.50 -9.65 -6.73
N GLY A 58 -7.92 -8.41 -6.77
CA GLY A 58 -8.43 -7.95 -8.03
C GLY A 58 -7.37 -7.43 -8.96
N THR A 59 -6.17 -7.17 -8.45
CA THR A 59 -5.11 -6.61 -9.27
C THR A 59 -4.62 -7.58 -10.34
N ILE A 60 -4.98 -8.86 -10.26
CA ILE A 60 -4.69 -9.81 -11.33
C ILE A 60 -5.94 -10.09 -12.15
N THR A 61 -7.07 -9.60 -11.71
CA THR A 61 -8.27 -9.70 -12.51
C THR A 61 -8.71 -8.37 -13.06
N GLY A 62 -8.45 -7.27 -12.37
CA GLY A 62 -8.89 -5.98 -12.79
C GLY A 62 -10.39 -5.80 -12.82
N PRO A 63 -11.04 -5.74 -11.66
CA PRO A 63 -12.42 -5.29 -11.63
C PRO A 63 -12.45 -3.78 -11.77
N PRO A 64 -13.61 -3.17 -12.06
CA PRO A 64 -13.64 -1.75 -12.42
C PRO A 64 -13.22 -0.76 -11.34
N GLN A 65 -12.75 -1.18 -10.18
CA GLN A 65 -12.14 -0.21 -9.30
C GLN A 65 -10.65 -0.44 -9.14
N CYS A 66 -10.10 -1.46 -9.78
CA CYS A 66 -8.68 -1.76 -9.69
C CYS A 66 -7.95 -1.32 -10.95
N ASP A 67 -8.61 -0.50 -11.78
CA ASP A 67 -8.08 -0.16 -13.11
C ASP A 67 -6.86 0.74 -13.05
N GLN A 68 -6.70 1.48 -11.97
CA GLN A 68 -5.51 2.28 -11.80
C GLN A 68 -4.37 1.52 -11.13
N PHE A 69 -4.45 0.20 -11.11
CA PHE A 69 -3.66 -0.63 -10.23
C PHE A 69 -3.15 -1.93 -10.86
N LEU A 70 -3.40 -2.14 -12.15
CA LEU A 70 -3.22 -3.45 -12.78
C LEU A 70 -1.77 -3.91 -12.80
N GLU A 71 -0.83 -2.98 -12.73
CA GLU A 71 0.56 -3.32 -12.92
C GLU A 71 1.40 -2.54 -11.92
N PHE A 72 0.99 -2.53 -10.67
CA PHE A 72 1.61 -1.62 -9.73
C PHE A 72 3.00 -2.11 -9.33
N SER A 73 3.60 -1.41 -8.39
CA SER A 73 4.96 -1.73 -7.96
C SER A 73 5.14 -1.09 -6.60
N ALA A 74 5.25 -1.89 -5.55
CA ALA A 74 5.22 -1.27 -4.24
C ALA A 74 6.10 -2.04 -3.29
N ASP A 75 6.61 -1.31 -2.30
CA ASP A 75 7.24 -1.86 -1.11
C ASP A 75 6.30 -1.86 0.08
N LEU A 76 5.04 -1.46 -0.13
CA LEU A 76 4.00 -1.48 0.88
C LEU A 76 2.65 -1.46 0.19
N ILE A 77 1.94 -2.57 0.24
CA ILE A 77 0.60 -2.68 -0.31
C ILE A 77 -0.36 -2.44 0.86
N ILE A 78 -1.46 -1.74 0.61
CA ILE A 78 -2.46 -1.41 1.64
C ILE A 78 -3.82 -1.73 1.06
N GLU A 79 -4.64 -2.45 1.81
CA GLU A 79 -5.97 -2.85 1.39
C GLU A 79 -6.97 -2.53 2.49
N ARG A 80 -8.20 -2.21 2.07
CA ARG A 80 -9.19 -1.57 2.95
C ARG A 80 -10.40 -2.47 3.12
N ARG A 81 -11.16 -2.17 4.19
CA ARG A 81 -12.35 -2.96 4.56
C ARG A 81 -13.39 -2.96 3.46
N GLU A 82 -13.48 -1.86 2.73
CA GLU A 82 -14.37 -1.71 1.59
C GLU A 82 -13.78 -2.26 0.31
N GLY A 83 -12.61 -2.87 0.39
CA GLY A 83 -12.00 -3.48 -0.77
C GLY A 83 -12.75 -4.74 -1.12
N SER A 84 -13.52 -4.70 -2.20
CA SER A 84 -14.19 -5.85 -2.75
C SER A 84 -13.32 -6.39 -3.88
N ASP A 85 -12.83 -7.62 -3.73
CA ASP A 85 -11.90 -8.23 -4.69
C ASP A 85 -12.51 -8.40 -6.06
N VAL A 86 -13.83 -8.36 -6.17
CA VAL A 86 -14.54 -8.72 -7.37
C VAL A 86 -15.46 -7.58 -7.73
N CYS A 87 -16.06 -7.69 -8.90
CA CYS A 87 -17.24 -6.94 -9.27
C CYS A 87 -18.42 -7.86 -9.48
N TYR A 88 -18.29 -8.84 -10.35
CA TYR A 88 -19.26 -9.90 -10.41
C TYR A 88 -19.11 -10.74 -9.15
N PRO A 89 -20.22 -11.07 -8.47
CA PRO A 89 -20.11 -11.64 -7.12
C PRO A 89 -19.52 -13.05 -7.14
N GLY A 90 -18.63 -13.32 -6.21
CA GLY A 90 -17.89 -14.56 -6.21
C GLY A 90 -16.69 -14.43 -5.31
N LYS A 91 -15.77 -15.36 -5.46
CA LYS A 91 -14.65 -15.50 -4.53
C LYS A 91 -13.54 -16.24 -5.25
N PHE A 92 -12.35 -16.21 -4.65
CA PHE A 92 -11.29 -17.06 -5.16
C PHE A 92 -11.18 -18.28 -4.25
N VAL A 93 -11.02 -19.44 -4.85
CA VAL A 93 -10.79 -20.67 -4.11
C VAL A 93 -9.33 -20.67 -3.68
N ASN A 94 -9.09 -21.09 -2.44
CA ASN A 94 -7.75 -21.19 -1.85
C ASN A 94 -7.11 -19.81 -1.81
N GLU A 95 -7.93 -18.82 -1.48
CA GLU A 95 -7.52 -17.45 -1.70
C GLU A 95 -6.62 -16.90 -0.63
N GLU A 96 -6.44 -17.59 0.48
CA GLU A 96 -5.53 -17.01 1.45
C GLU A 96 -4.10 -17.44 1.14
N ALA A 97 -3.92 -18.54 0.42
CA ALA A 97 -2.61 -18.79 -0.14
C ALA A 97 -2.28 -17.75 -1.21
N LEU A 98 -3.26 -17.37 -2.03
CA LEU A 98 -3.01 -16.38 -3.06
C LEU A 98 -2.80 -15.00 -2.47
N ARG A 99 -3.54 -14.62 -1.44
CA ARG A 99 -3.29 -13.32 -0.82
C ARG A 99 -1.98 -13.29 -0.05
N GLN A 100 -1.34 -14.42 0.17
CA GLN A 100 -0.05 -14.40 0.87
C GLN A 100 1.11 -14.49 -0.10
N ILE A 101 0.85 -14.84 -1.35
CA ILE A 101 1.86 -14.63 -2.39
C ILE A 101 2.06 -13.14 -2.63
N LEU A 102 0.96 -12.41 -2.77
CA LEU A 102 0.98 -11.10 -3.37
C LEU A 102 1.43 -9.99 -2.45
N ARG A 103 1.30 -10.16 -1.14
CA ARG A 103 1.67 -9.05 -0.28
C ARG A 103 3.17 -8.89 -0.18
N GLU A 104 3.92 -9.98 -0.33
CA GLU A 104 5.37 -9.92 -0.38
C GLU A 104 5.92 -10.08 -1.79
N SER A 105 5.29 -9.47 -2.80
CA SER A 105 5.70 -9.72 -4.18
C SER A 105 6.31 -8.50 -4.84
N GLY A 106 6.11 -7.32 -4.28
CA GLY A 106 6.67 -6.14 -4.89
C GLY A 106 5.96 -5.66 -6.14
N GLY A 107 4.69 -6.00 -6.32
CA GLY A 107 3.98 -5.65 -7.51
C GLY A 107 3.83 -6.86 -8.40
N ILE A 108 3.27 -6.61 -9.57
CA ILE A 108 3.07 -7.65 -10.56
C ILE A 108 3.37 -7.05 -11.92
N ASP A 109 4.13 -7.77 -12.71
CA ASP A 109 4.59 -7.30 -14.00
C ASP A 109 3.92 -8.18 -15.04
N LYS A 110 2.71 -7.81 -15.45
CA LYS A 110 1.90 -8.57 -16.38
C LYS A 110 2.62 -8.74 -17.70
N GLU A 111 2.48 -9.90 -18.32
CA GLU A 111 2.92 -10.11 -19.70
C GLU A 111 1.86 -10.93 -20.41
N SER A 112 1.73 -10.70 -21.71
CA SER A 112 0.65 -11.30 -22.46
C SER A 112 0.89 -12.80 -22.64
N MET A 113 -0.20 -13.54 -22.79
CA MET A 113 -0.14 -14.97 -22.96
C MET A 113 -0.38 -15.38 -24.39
N GLY A 114 -0.75 -14.44 -25.23
CA GLY A 114 -0.74 -14.64 -26.65
C GLY A 114 -1.84 -15.57 -27.11
N PHE A 115 -2.91 -15.66 -26.35
CA PHE A 115 -4.01 -16.51 -26.77
C PHE A 115 -4.83 -15.76 -27.80
N THR A 116 -5.20 -16.45 -28.86
CA THR A 116 -6.17 -15.97 -29.82
C THR A 116 -7.33 -16.95 -29.86
N TYR A 117 -8.50 -16.47 -30.24
CA TYR A 117 -9.73 -17.23 -30.06
C TYR A 117 -10.53 -17.16 -31.34
N ASN A 118 -11.26 -18.23 -31.66
CA ASN A 118 -11.81 -18.41 -32.99
C ASN A 118 -13.20 -19.03 -32.99
N GLY A 119 -14.07 -18.52 -33.87
CA GLY A 119 -15.44 -19.01 -33.98
C GLY A 119 -16.25 -18.76 -32.71
N ILE A 120 -15.96 -17.66 -32.03
CA ILE A 120 -16.31 -17.51 -30.63
C ILE A 120 -16.42 -16.02 -30.39
N ARG A 121 -17.23 -15.63 -29.40
CA ARG A 121 -17.29 -14.22 -29.04
C ARG A 121 -16.58 -14.07 -27.72
N THR A 122 -16.03 -12.88 -27.46
CA THR A 122 -15.22 -12.67 -26.28
C THR A 122 -15.54 -11.34 -25.62
N ASN A 123 -16.62 -10.70 -26.04
CA ASN A 123 -17.01 -9.36 -25.59
C ASN A 123 -18.02 -9.43 -24.47
N GLY A 124 -17.86 -10.41 -23.57
CA GLY A 124 -18.83 -10.61 -22.51
C GLY A 124 -18.72 -9.53 -21.46
N VAL A 125 -19.85 -8.91 -21.13
CA VAL A 125 -19.91 -7.85 -20.13
C VAL A 125 -21.08 -8.12 -19.22
N THR A 126 -21.13 -7.41 -18.10
CA THR A 126 -22.25 -7.47 -17.19
C THR A 126 -22.47 -6.10 -16.56
N SER A 127 -23.70 -5.86 -16.15
CA SER A 127 -24.13 -4.57 -15.62
C SER A 127 -23.51 -4.24 -14.28
N ALA A 128 -22.96 -5.21 -13.57
CA ALA A 128 -22.40 -5.01 -12.24
C ALA A 128 -20.97 -4.53 -12.27
N CYS A 129 -20.38 -4.43 -13.45
CA CYS A 129 -18.98 -4.03 -13.58
C CYS A 129 -18.97 -2.80 -14.48
N ARG A 130 -18.89 -1.63 -13.85
CA ARG A 130 -19.14 -0.36 -14.53
C ARG A 130 -17.93 0.55 -14.47
N ARG A 131 -17.50 1.02 -15.64
CA ARG A 131 -16.52 2.09 -15.77
C ARG A 131 -17.16 3.31 -16.43
N SER A 132 -17.70 3.12 -17.63
CA SER A 132 -18.59 4.08 -18.26
C SER A 132 -19.79 3.37 -18.85
N GLY A 133 -19.63 2.10 -19.23
CA GLY A 133 -20.76 1.29 -19.65
C GLY A 133 -20.74 -0.06 -19.00
N SER A 134 -21.45 -1.02 -19.59
CA SER A 134 -21.37 -2.40 -19.19
C SER A 134 -20.01 -2.94 -19.62
N SER A 135 -19.19 -3.27 -18.64
CA SER A 135 -17.80 -3.62 -18.88
C SER A 135 -17.54 -5.00 -18.31
N PHE A 136 -16.26 -5.34 -18.20
CA PHE A 136 -15.87 -6.63 -17.64
C PHE A 136 -14.55 -6.38 -16.90
N TYR A 137 -13.85 -7.46 -16.58
CA TYR A 137 -12.50 -7.48 -16.07
C TYR A 137 -11.49 -7.02 -17.12
N ALA A 138 -10.36 -6.52 -16.62
CA ALA A 138 -9.32 -6.00 -17.48
C ALA A 138 -8.33 -7.07 -17.93
N GLU A 139 -8.23 -8.17 -17.20
CA GLU A 139 -7.28 -9.23 -17.51
C GLU A 139 -7.92 -10.51 -17.99
N MET A 140 -9.24 -10.61 -18.02
CA MET A 140 -9.86 -11.89 -18.24
C MET A 140 -10.83 -11.77 -19.38
N LYS A 141 -11.35 -12.91 -19.80
CA LYS A 141 -12.18 -12.97 -20.97
C LYS A 141 -13.38 -13.84 -20.68
N TRP A 142 -14.54 -13.21 -20.53
CA TRP A 142 -15.80 -13.94 -20.45
C TRP A 142 -16.02 -14.45 -21.86
N LEU A 143 -15.71 -15.71 -22.11
CA LEU A 143 -16.02 -16.27 -23.40
C LEU A 143 -17.51 -16.59 -23.41
N LEU A 144 -18.07 -16.79 -24.59
CA LEU A 144 -19.46 -17.16 -24.69
C LEU A 144 -19.59 -18.03 -25.92
N SER A 145 -20.82 -18.18 -26.39
CA SER A 145 -21.05 -18.86 -27.64
C SER A 145 -20.93 -17.89 -28.82
N ASN A 146 -21.15 -18.41 -30.02
CA ASN A 146 -21.27 -17.56 -31.20
C ASN A 146 -22.70 -17.05 -31.32
N THR A 147 -23.66 -17.96 -31.52
CA THR A 147 -25.06 -17.62 -31.35
C THR A 147 -25.60 -18.39 -30.15
N ASP A 148 -26.77 -17.97 -29.69
CA ASP A 148 -27.11 -18.14 -28.28
C ASP A 148 -27.42 -19.57 -27.90
N ASN A 149 -27.97 -20.37 -28.81
CA ASN A 149 -28.41 -21.71 -28.47
C ASN A 149 -27.95 -22.80 -29.42
N ALA A 150 -26.94 -22.56 -30.26
CA ALA A 150 -26.41 -23.66 -31.05
C ALA A 150 -25.50 -24.56 -30.21
N ALA A 151 -24.34 -24.03 -29.80
CA ALA A 151 -23.33 -24.76 -29.04
C ALA A 151 -22.23 -23.80 -28.60
N PHE A 152 -21.17 -24.40 -28.08
CA PHE A 152 -19.84 -23.85 -27.85
C PHE A 152 -18.87 -24.85 -28.47
N PRO A 153 -18.06 -24.46 -29.44
CA PRO A 153 -17.10 -25.41 -30.01
C PRO A 153 -15.95 -25.69 -29.05
N GLN A 154 -15.44 -26.91 -29.10
CA GLN A 154 -14.45 -27.35 -28.13
C GLN A 154 -13.09 -26.78 -28.52
N MET A 155 -12.35 -26.30 -27.54
CA MET A 155 -11.14 -25.57 -27.86
C MET A 155 -10.02 -26.03 -26.92
N THR A 156 -8.79 -25.63 -27.24
CA THR A 156 -7.62 -26.03 -26.48
C THR A 156 -6.51 -25.03 -26.71
N LYS A 157 -5.99 -24.42 -25.66
CA LYS A 157 -4.84 -23.55 -25.78
C LYS A 157 -3.77 -23.93 -24.77
N SER A 158 -2.64 -23.25 -24.88
CA SER A 158 -1.45 -23.59 -24.13
C SER A 158 -0.51 -22.39 -24.11
N TYR A 159 0.20 -22.22 -23.01
CA TYR A 159 1.09 -21.09 -22.83
C TYR A 159 2.37 -21.58 -22.20
N LYS A 160 3.49 -21.33 -22.88
CA LYS A 160 4.78 -21.76 -22.39
C LYS A 160 5.45 -20.61 -21.68
N ASN A 161 5.77 -20.79 -20.40
CA ASN A 161 6.59 -19.83 -19.70
C ASN A 161 7.95 -19.79 -20.36
N THR A 162 8.42 -18.60 -20.70
CA THR A 162 9.73 -18.44 -21.29
C THR A 162 10.62 -17.47 -20.54
N ARG A 163 10.24 -17.03 -19.37
CA ARG A 163 11.11 -16.14 -18.63
C ARG A 163 11.97 -16.92 -17.67
N GLU A 164 12.61 -16.19 -16.77
CA GLU A 164 13.34 -16.76 -15.66
C GLU A 164 12.49 -16.97 -14.43
N SER A 165 11.40 -16.17 -14.24
CA SER A 165 10.68 -16.17 -12.96
C SER A 165 9.44 -17.03 -13.04
N PRO A 166 8.88 -17.44 -11.90
CA PRO A 166 7.62 -18.19 -11.93
C PRO A 166 6.42 -17.28 -12.12
N ALA A 167 5.55 -17.67 -13.04
CA ALA A 167 4.33 -16.95 -13.33
C ALA A 167 3.28 -17.27 -12.27
N ILE A 168 2.15 -16.56 -12.38
CA ILE A 168 0.95 -16.86 -11.60
C ILE A 168 -0.18 -16.87 -12.60
N ILE A 169 -0.70 -18.01 -12.87
CA ILE A 169 -1.86 -18.09 -13.72
C ILE A 169 -3.04 -17.88 -12.79
N VAL A 170 -4.13 -17.33 -13.31
CA VAL A 170 -5.42 -17.34 -12.64
C VAL A 170 -6.51 -17.33 -13.68
N TRP A 171 -7.35 -18.35 -13.63
CA TRP A 171 -8.40 -18.58 -14.57
C TRP A 171 -9.68 -18.62 -13.76
N GLY A 172 -10.83 -18.77 -14.42
CA GLY A 172 -12.08 -18.75 -13.70
C GLY A 172 -13.09 -19.70 -14.28
N ILE A 173 -13.88 -20.27 -13.37
CA ILE A 173 -15.05 -21.08 -13.69
C ILE A 173 -16.28 -20.26 -13.30
N HIS A 174 -17.29 -20.26 -14.17
CA HIS A 174 -18.49 -19.48 -13.95
C HIS A 174 -19.63 -20.38 -13.48
N HIS A 175 -20.11 -20.14 -12.27
CA HIS A 175 -21.20 -20.87 -11.65
C HIS A 175 -22.50 -20.12 -11.91
N SER A 176 -23.21 -20.52 -12.95
CA SER A 176 -24.41 -19.83 -13.37
C SER A 176 -25.57 -20.08 -12.41
N VAL A 177 -26.73 -19.52 -12.73
CA VAL A 177 -27.86 -19.54 -11.81
C VAL A 177 -28.74 -20.75 -12.08
N SER A 178 -28.56 -21.44 -13.19
CA SER A 178 -29.54 -22.43 -13.60
C SER A 178 -28.93 -23.34 -14.65
N THR A 179 -29.76 -24.24 -15.17
CA THR A 179 -29.45 -24.88 -16.43
C THR A 179 -30.09 -24.15 -17.60
N ALA A 180 -30.75 -23.02 -17.34
CA ALA A 180 -31.31 -22.24 -18.43
C ALA A 180 -30.38 -21.10 -18.84
N GLU A 181 -29.39 -20.77 -18.03
CA GLU A 181 -28.42 -19.76 -18.45
C GLU A 181 -27.10 -20.33 -18.94
N GLN A 182 -26.66 -21.51 -18.49
CA GLN A 182 -25.53 -22.11 -19.17
C GLN A 182 -25.93 -22.71 -20.51
N THR A 183 -27.21 -22.91 -20.77
CA THR A 183 -27.60 -23.28 -22.13
C THR A 183 -27.74 -22.05 -23.02
N LYS A 184 -27.67 -20.84 -22.45
CA LYS A 184 -27.73 -19.67 -23.30
C LYS A 184 -26.42 -18.90 -23.30
N LEU A 185 -25.66 -18.91 -22.21
CA LEU A 185 -24.29 -18.47 -22.30
C LEU A 185 -23.43 -19.39 -23.13
N TYR A 186 -23.32 -20.66 -22.75
CA TYR A 186 -22.36 -21.54 -23.39
C TYR A 186 -23.05 -22.59 -24.26
N GLY A 187 -23.97 -23.36 -23.69
CA GLY A 187 -24.76 -24.27 -24.49
C GLY A 187 -25.19 -25.53 -23.77
N SER A 188 -25.61 -26.54 -24.54
CA SER A 188 -26.09 -27.80 -23.99
C SER A 188 -24.90 -28.65 -23.57
N GLY A 189 -25.20 -29.79 -22.97
CA GLY A 189 -24.19 -30.75 -22.59
C GLY A 189 -23.51 -30.43 -21.27
N ASN A 190 -22.65 -31.35 -20.84
CA ASN A 190 -21.85 -31.12 -19.65
C ASN A 190 -20.76 -30.09 -19.94
N LYS A 191 -20.10 -29.64 -18.86
CA LYS A 191 -19.07 -28.61 -18.96
C LYS A 191 -17.85 -29.06 -18.18
N LEU A 192 -16.67 -28.80 -18.74
CA LEU A 192 -15.43 -29.36 -18.23
C LEU A 192 -14.28 -28.43 -18.51
N VAL A 193 -13.44 -28.20 -17.51
CA VAL A 193 -12.31 -27.27 -17.61
C VAL A 193 -11.08 -27.95 -16.99
N THR A 194 -10.28 -28.60 -17.83
CA THR A 194 -9.09 -29.28 -17.36
C THR A 194 -7.93 -28.29 -17.39
N VAL A 195 -7.14 -28.25 -16.33
CA VAL A 195 -6.05 -27.30 -16.17
C VAL A 195 -4.83 -28.10 -15.74
N GLY A 196 -3.88 -28.31 -16.65
CA GLY A 196 -2.75 -29.16 -16.37
C GLY A 196 -1.36 -28.63 -16.68
N SER A 197 -0.39 -28.95 -15.85
CA SER A 197 1.01 -28.57 -16.04
C SER A 197 1.85 -29.79 -15.70
N SER A 198 3.13 -29.60 -15.44
CA SER A 198 3.95 -30.74 -15.04
C SER A 198 3.70 -31.19 -13.61
N ASN A 199 3.13 -30.35 -12.76
CA ASN A 199 2.97 -30.65 -11.35
C ASN A 199 1.52 -30.58 -10.89
N TYR A 200 0.57 -30.72 -11.81
CA TYR A 200 -0.76 -30.20 -11.55
C TYR A 200 -1.72 -30.71 -12.61
N GLN A 201 -2.87 -31.26 -12.19
CA GLN A 201 -4.09 -31.24 -12.99
C GLN A 201 -5.25 -31.37 -12.00
N GLN A 202 -6.39 -30.76 -12.31
CA GLN A 202 -7.51 -30.79 -11.37
C GLN A 202 -8.84 -31.19 -11.99
N SER A 203 -9.12 -30.79 -13.23
CA SER A 203 -10.38 -31.08 -13.95
C SER A 203 -11.61 -30.54 -13.22
N PHE A 204 -11.73 -29.22 -13.20
CA PHE A 204 -12.85 -28.53 -12.58
C PHE A 204 -14.12 -28.67 -13.41
N VAL A 205 -15.23 -28.22 -12.82
CA VAL A 205 -16.58 -28.38 -13.36
C VAL A 205 -17.47 -27.37 -12.64
N PRO A 206 -18.42 -26.71 -13.31
CA PRO A 206 -19.28 -25.74 -12.61
C PRO A 206 -20.36 -26.44 -11.78
N SER A 207 -21.05 -25.64 -10.97
CA SER A 207 -22.16 -26.15 -10.15
C SER A 207 -23.29 -25.15 -10.14
N PRO A 208 -24.17 -25.22 -11.15
CA PRO A 208 -25.28 -24.26 -11.23
C PRO A 208 -26.35 -24.52 -10.18
N GLY A 209 -27.17 -23.50 -9.93
CA GLY A 209 -28.28 -23.62 -9.00
C GLY A 209 -28.71 -22.24 -8.59
N ALA A 210 -29.82 -22.18 -7.84
CA ALA A 210 -30.32 -20.89 -7.37
C ALA A 210 -29.61 -20.50 -6.09
N ARG A 211 -29.25 -19.23 -5.98
CA ARG A 211 -28.40 -18.69 -4.93
C ARG A 211 -29.04 -17.41 -4.42
N PRO A 212 -28.61 -16.91 -3.26
CA PRO A 212 -29.09 -15.58 -2.85
C PRO A 212 -28.37 -14.48 -3.62
N GLN A 213 -29.12 -13.43 -3.95
CA GLN A 213 -28.58 -12.28 -4.67
C GLN A 213 -27.58 -11.54 -3.80
N VAL A 214 -26.44 -11.19 -4.39
CA VAL A 214 -25.57 -10.15 -3.86
C VAL A 214 -25.28 -9.21 -5.01
N ASN A 215 -25.71 -7.95 -4.86
CA ASN A 215 -25.76 -6.92 -5.89
C ASN A 215 -26.44 -7.41 -7.15
N GLY A 216 -27.69 -7.84 -7.06
CA GLY A 216 -28.58 -7.98 -8.19
C GLY A 216 -28.45 -9.29 -8.95
N LEU A 217 -27.31 -9.96 -8.86
CA LEU A 217 -27.08 -11.18 -9.63
C LEU A 217 -27.00 -12.38 -8.70
N SER A 218 -27.50 -13.52 -9.18
CA SER A 218 -27.42 -14.77 -8.44
C SER A 218 -26.52 -15.81 -9.08
N GLY A 219 -25.48 -15.40 -9.81
CA GLY A 219 -24.46 -16.31 -10.25
C GLY A 219 -23.13 -16.00 -9.58
N ARG A 220 -22.20 -16.92 -9.74
CA ARG A 220 -20.89 -16.74 -9.13
C ARG A 220 -19.80 -16.98 -10.17
N ILE A 221 -18.58 -16.60 -9.80
CA ILE A 221 -17.38 -16.99 -10.52
C ILE A 221 -16.34 -17.35 -9.47
N ASP A 222 -15.79 -18.55 -9.56
CA ASP A 222 -14.67 -18.93 -8.72
C ASP A 222 -13.40 -18.81 -9.54
N PHE A 223 -12.41 -18.14 -8.97
CA PHE A 223 -11.12 -17.95 -9.62
C PHE A 223 -10.08 -18.81 -8.93
N HIS A 224 -9.55 -19.77 -9.67
CA HIS A 224 -8.49 -20.65 -9.19
C HIS A 224 -7.16 -20.17 -9.71
N TRP A 225 -6.10 -20.77 -9.21
CA TRP A 225 -4.78 -20.31 -9.58
C TRP A 225 -3.76 -21.41 -9.34
N LEU A 226 -2.72 -21.45 -10.17
CA LEU A 226 -1.55 -22.29 -10.01
C LEU A 226 -0.30 -21.43 -10.06
N ILE A 227 0.86 -22.06 -10.11
CA ILE A 227 2.13 -21.39 -10.41
C ILE A 227 2.86 -22.24 -11.43
N LEU A 228 3.21 -21.63 -12.57
CA LEU A 228 4.16 -22.23 -13.49
C LEU A 228 5.59 -21.92 -13.12
N ASN A 229 6.43 -22.87 -13.33
CA ASN A 229 7.88 -22.83 -13.23
C ASN A 229 8.47 -22.50 -14.60
N PRO A 230 9.74 -22.06 -14.64
CA PRO A 230 10.40 -21.82 -15.94
C PRO A 230 10.35 -22.98 -16.92
N ASN A 231 10.01 -22.63 -18.17
CA ASN A 231 9.94 -23.53 -19.33
C ASN A 231 8.85 -24.60 -19.22
N ASP A 232 7.86 -24.36 -18.38
CA ASP A 232 6.69 -25.22 -18.27
C ASP A 232 5.62 -24.85 -19.28
N THR A 233 4.44 -25.41 -19.08
CA THR A 233 3.28 -25.12 -19.89
C THR A 233 2.05 -25.29 -19.01
N VAL A 234 0.97 -24.57 -19.30
CA VAL A 234 -0.35 -25.03 -18.88
C VAL A 234 -1.19 -25.18 -20.13
N THR A 235 -1.72 -26.36 -20.36
CA THR A 235 -2.72 -26.52 -21.40
C THR A 235 -4.08 -26.36 -20.73
N PHE A 236 -4.94 -25.55 -21.33
CA PHE A 236 -6.32 -25.39 -20.91
C PHE A 236 -7.14 -26.00 -22.03
N SER A 237 -7.95 -27.02 -21.72
CA SER A 237 -9.04 -27.43 -22.58
C SER A 237 -10.33 -27.11 -21.86
N PHE A 238 -11.34 -26.70 -22.60
CA PHE A 238 -12.57 -26.22 -22.00
C PHE A 238 -13.66 -26.09 -23.04
N ASN A 239 -14.84 -26.57 -22.69
CA ASN A 239 -16.03 -26.53 -23.55
C ASN A 239 -17.06 -25.58 -22.97
N GLY A 240 -16.64 -24.55 -22.29
CA GLY A 240 -17.61 -23.60 -21.76
C GLY A 240 -17.28 -23.25 -20.34
N ALA A 241 -18.05 -22.30 -19.80
CA ALA A 241 -18.08 -21.95 -18.38
C ALA A 241 -16.72 -21.53 -17.85
N PHE A 242 -15.92 -20.94 -18.74
CA PHE A 242 -14.53 -20.67 -18.44
C PHE A 242 -14.26 -19.19 -18.62
N ILE A 243 -13.59 -18.63 -17.64
CA ILE A 243 -13.15 -17.25 -17.65
C ILE A 243 -11.65 -17.31 -17.89
N ALA A 244 -11.25 -17.24 -19.17
CA ALA A 244 -9.88 -17.36 -19.65
C ALA A 244 -9.04 -16.19 -19.17
N PRO A 245 -7.75 -16.34 -18.96
CA PRO A 245 -6.91 -15.18 -18.71
C PRO A 245 -6.39 -14.62 -20.03
N ASP A 246 -5.84 -13.44 -19.96
CA ASP A 246 -5.33 -12.74 -21.11
C ASP A 246 -3.93 -12.21 -20.87
N ARG A 247 -3.59 -11.95 -19.62
CA ARG A 247 -2.28 -11.49 -19.23
C ARG A 247 -1.91 -12.13 -17.91
N ALA A 248 -0.93 -13.01 -17.94
CA ALA A 248 -0.44 -13.67 -16.75
C ALA A 248 0.38 -12.68 -15.93
N SER A 249 0.85 -13.08 -14.77
CA SER A 249 1.56 -12.12 -13.95
C SER A 249 2.86 -12.71 -13.45
N PHE A 250 3.83 -11.84 -13.28
CA PHE A 250 5.18 -12.20 -12.89
C PHE A 250 5.54 -11.30 -11.75
N LEU A 251 6.13 -11.85 -10.72
CA LEU A 251 6.36 -11.05 -9.55
C LEU A 251 7.58 -10.19 -9.79
N ARG A 252 7.53 -8.98 -9.25
CA ARG A 252 8.54 -7.98 -9.52
C ARG A 252 9.67 -8.00 -8.52
N GLY A 253 9.39 -8.22 -7.25
CA GLY A 253 10.40 -7.99 -6.25
C GLY A 253 9.93 -8.37 -4.87
N LYS A 254 10.12 -7.47 -3.91
CA LYS A 254 9.75 -7.70 -2.53
C LYS A 254 8.80 -6.62 -2.07
N SER A 255 7.95 -6.96 -1.12
CA SER A 255 7.06 -6.00 -0.49
C SER A 255 6.68 -6.54 0.88
N MET A 256 5.86 -5.78 1.61
CA MET A 256 5.12 -6.33 2.73
C MET A 256 3.65 -6.00 2.51
N GLY A 257 2.80 -6.48 3.39
CA GLY A 257 1.40 -6.22 3.21
C GLY A 257 0.70 -5.97 4.52
N ILE A 258 -0.17 -4.96 4.57
CA ILE A 258 -0.85 -4.60 5.80
C ILE A 258 -2.34 -4.40 5.51
N GLN A 259 -3.15 -4.78 6.49
CA GLN A 259 -4.58 -4.50 6.49
C GLN A 259 -4.80 -3.34 7.44
N SER A 260 -5.57 -2.35 6.99
CA SER A 260 -5.77 -1.16 7.79
C SER A 260 -7.06 -0.47 7.40
N GLY A 261 -7.34 0.62 8.12
CA GLY A 261 -8.45 1.51 7.85
C GLY A 261 -8.14 2.96 8.15
N VAL A 262 -6.87 3.36 8.19
CA VAL A 262 -6.53 4.76 8.42
C VAL A 262 -5.83 5.35 7.19
N GLN A 263 -5.53 6.65 7.25
CA GLN A 263 -5.09 7.41 6.09
C GLN A 263 -3.57 7.36 5.94
N VAL A 264 -3.09 7.64 4.73
CA VAL A 264 -1.68 7.53 4.34
C VAL A 264 -0.98 8.82 4.73
N ASP A 265 0.21 8.71 5.33
CA ASP A 265 0.97 9.86 5.78
C ASP A 265 2.44 9.71 5.41
N ALA A 266 2.85 10.36 4.32
CA ALA A 266 4.20 10.22 3.79
C ALA A 266 5.23 11.14 4.47
N ASN A 267 4.84 11.93 5.45
CA ASN A 267 5.83 12.69 6.21
C ASN A 267 6.42 11.87 7.34
N CYS A 268 5.59 11.06 8.00
CA CYS A 268 6.02 10.14 9.02
C CYS A 268 6.83 8.99 8.41
N GLU A 269 7.81 8.52 9.18
CA GLU A 269 8.68 7.40 8.78
C GLU A 269 8.50 6.25 9.77
N GLY A 270 7.85 5.17 9.32
CA GLY A 270 7.52 4.08 10.24
C GLY A 270 7.63 2.72 9.60
N ASP A 271 7.58 1.68 10.46
CA ASP A 271 7.97 0.33 10.06
C ASP A 271 7.01 -0.78 10.48
N CYS A 272 6.27 -0.60 11.58
CA CYS A 272 5.40 -1.64 12.14
C CYS A 272 3.96 -1.19 12.05
N TYR A 273 3.17 -1.87 11.23
CA TYR A 273 1.89 -1.33 10.79
C TYR A 273 0.76 -2.29 11.16
N HIS A 274 -0.29 -1.79 11.80
CA HIS A 274 -1.47 -2.60 12.07
C HIS A 274 -2.74 -1.93 11.54
N SER A 275 -3.91 -2.41 11.95
CA SER A 275 -5.16 -1.96 11.34
C SER A 275 -5.53 -0.53 11.68
N GLY A 276 -5.30 -0.12 12.92
CA GLY A 276 -5.53 1.24 13.33
C GLY A 276 -4.22 1.99 13.34
N GLY A 277 -3.41 1.78 12.32
CA GLY A 277 -2.31 2.71 12.12
C GLY A 277 -0.91 2.18 11.88
N THR A 278 -0.02 2.55 12.78
CA THR A 278 1.41 2.35 12.65
C THR A 278 2.03 2.44 14.02
N ILE A 279 2.80 1.43 14.41
CA ILE A 279 3.52 1.46 15.66
C ILE A 279 4.92 1.98 15.34
N ILE A 280 5.42 2.89 16.14
CA ILE A 280 6.79 3.35 16.02
C ILE A 280 7.34 3.60 17.42
N SER A 281 8.19 2.70 17.88
CA SER A 281 9.22 2.99 18.87
C SER A 281 10.24 1.88 18.82
N ASN A 282 11.23 2.01 19.69
CA ASN A 282 12.23 0.99 19.91
C ASN A 282 11.84 -0.02 20.97
N LEU A 283 10.56 -0.09 21.33
CA LEU A 283 10.16 -0.90 22.46
C LEU A 283 9.80 -2.31 21.98
N PRO A 284 10.22 -3.34 22.73
CA PRO A 284 10.14 -4.70 22.21
C PRO A 284 8.77 -5.30 22.26
N PHE A 285 7.87 -4.71 23.05
CA PHE A 285 6.60 -5.30 23.42
C PHE A 285 5.49 -4.30 23.14
N GLN A 286 4.38 -4.77 22.58
CA GLN A 286 3.27 -3.91 22.23
C GLN A 286 1.94 -4.54 22.62
N ASN A 287 1.05 -3.73 23.20
CA ASN A 287 -0.26 -4.18 23.67
C ASN A 287 -1.33 -3.82 22.67
N ILE A 288 -0.91 -3.22 21.56
CA ILE A 288 -1.81 -2.50 20.68
C ILE A 288 -2.60 -3.45 19.79
N ASP A 289 -1.90 -4.31 19.05
CA ASP A 289 -2.62 -5.29 18.26
C ASP A 289 -1.73 -6.52 18.06
N SER A 290 -2.34 -7.70 18.19
CA SER A 290 -1.64 -8.97 18.16
C SER A 290 -1.22 -9.37 16.77
N ARG A 291 -1.90 -8.88 15.75
CA ARG A 291 -1.69 -9.31 14.39
C ARG A 291 -0.87 -8.28 13.62
N ALA A 292 0.00 -7.58 14.32
CA ALA A 292 0.89 -6.55 13.81
C ALA A 292 1.98 -7.12 12.91
N VAL A 293 2.02 -6.65 11.65
CA VAL A 293 2.91 -7.23 10.65
C VAL A 293 3.94 -6.21 10.19
N GLY A 294 5.05 -6.73 9.66
CA GLY A 294 6.24 -5.96 9.40
C GLY A 294 7.39 -6.42 10.28
N LYS A 295 8.28 -5.49 10.56
CA LYS A 295 9.28 -5.68 11.61
C LYS A 295 8.68 -5.15 12.90
N CYS A 296 7.69 -5.86 13.43
CA CYS A 296 6.89 -5.41 14.56
C CYS A 296 7.43 -5.92 15.88
N PRO A 297 7.14 -5.20 16.97
CA PRO A 297 7.47 -5.74 18.28
C PRO A 297 6.51 -6.86 18.67
N ARG A 298 6.75 -7.45 19.83
CA ARG A 298 6.03 -8.67 20.15
C ARG A 298 4.80 -8.38 20.99
N TYR A 299 3.70 -9.05 20.64
CA TYR A 299 2.45 -8.85 21.35
C TYR A 299 2.52 -9.49 22.73
N VAL A 300 1.80 -8.90 23.67
CA VAL A 300 1.92 -9.23 25.07
C VAL A 300 0.53 -9.00 25.65
N LYS A 301 0.27 -9.52 26.85
CA LYS A 301 -1.05 -9.33 27.46
C LYS A 301 -1.10 -8.14 28.39
N GLN A 302 -0.11 -8.01 29.27
CA GLN A 302 -0.09 -6.93 30.24
C GLN A 302 0.15 -5.59 29.56
N ARG A 303 -0.11 -4.51 30.30
CA ARG A 303 -0.13 -3.18 29.71
C ARG A 303 0.90 -2.21 30.27
N SER A 304 1.74 -2.63 31.20
CA SER A 304 2.93 -1.83 31.54
C SER A 304 4.00 -2.71 32.18
N LEU A 305 5.25 -2.48 31.77
CA LEU A 305 6.47 -3.13 32.28
C LEU A 305 7.55 -2.07 32.29
N LEU A 306 8.50 -2.16 33.22
CA LEU A 306 9.27 -0.99 33.61
C LEU A 306 10.80 -1.16 33.54
N LEU A 307 11.52 -0.21 34.15
CA LEU A 307 12.97 -0.21 34.31
C LEU A 307 13.32 0.77 35.43
N ALA A 308 14.57 1.24 35.43
CA ALA A 308 15.01 2.23 36.41
C ALA A 308 16.13 3.10 35.85
N THR A 309 16.86 3.77 36.75
CA THR A 309 18.23 4.25 36.52
C THR A 309 19.09 3.92 37.74
N GLY A 310 18.49 3.99 38.92
CA GLY A 310 19.23 3.87 40.15
C GLY A 310 18.32 3.70 41.35
N MET A 311 18.70 4.38 42.42
CA MET A 311 18.49 3.90 43.77
C MET A 311 17.02 3.88 44.14
N LYS A 312 16.66 2.77 44.78
CA LYS A 312 15.54 2.72 45.70
C LYS A 312 15.67 3.89 46.67
N ASN A 313 14.54 4.51 47.01
CA ASN A 313 14.57 5.85 47.58
C ASN A 313 14.30 5.78 49.08
N VAL A 314 15.10 6.51 49.86
CA VAL A 314 14.82 6.70 51.27
C VAL A 314 14.37 8.15 51.49
N PRO A 315 13.16 8.37 51.99
CA PRO A 315 12.84 9.69 52.54
C PRO A 315 13.52 9.87 53.89
N GLU A 316 13.85 11.12 54.18
CA GLU A 316 14.43 11.53 55.47
C GLU A 316 13.27 11.87 56.39
N LEU A 327 21.57 -6.16 49.10
CA LEU A 327 22.03 -7.53 49.21
C LEU A 327 23.43 -7.48 49.80
N PHE A 328 23.76 -6.34 50.42
CA PHE A 328 24.51 -6.28 51.66
C PHE A 328 23.94 -5.28 52.67
N GLY A 329 22.98 -4.43 52.26
CA GLY A 329 22.35 -3.49 53.17
C GLY A 329 22.94 -2.11 53.19
N ALA A 330 23.22 -1.53 52.03
CA ALA A 330 23.93 -0.25 51.96
C ALA A 330 23.00 0.94 51.83
N ILE A 331 21.87 0.77 51.17
CA ILE A 331 20.90 1.85 51.04
C ILE A 331 20.08 1.92 52.34
N ALA A 332 20.35 2.96 53.15
CA ALA A 332 19.88 3.05 54.55
C ALA A 332 20.34 1.86 55.39
N GLY A 333 21.64 1.81 55.67
CA GLY A 333 22.26 0.73 56.44
C GLY A 333 22.70 1.15 57.83
N PHE A 334 24.01 1.23 58.07
CA PHE A 334 24.49 1.95 59.25
C PHE A 334 24.75 3.41 58.93
N ILE A 335 25.10 3.69 57.68
CA ILE A 335 24.72 4.94 57.04
C ILE A 335 23.24 4.77 56.69
N GLU A 336 22.38 5.30 57.56
CA GLU A 336 20.97 4.97 57.61
C GLU A 336 20.11 5.92 56.80
N ASN A 337 20.72 6.95 56.22
CA ASN A 337 20.01 8.15 55.83
C ASN A 337 20.49 8.65 54.48
N GLY A 338 19.95 9.80 54.08
CA GLY A 338 20.19 10.33 52.75
C GLY A 338 20.71 11.75 52.76
N TRP A 339 20.43 12.49 51.70
CA TRP A 339 20.81 13.89 51.59
C TRP A 339 19.85 14.68 50.73
N GLU A 340 20.01 15.99 50.78
CA GLU A 340 19.99 16.83 49.59
C GLU A 340 21.23 17.73 49.61
N GLY A 341 22.25 17.37 50.38
CA GLY A 341 23.45 18.15 50.57
C GLY A 341 24.32 18.30 49.34
N LEU A 342 24.85 17.20 48.82
CA LEU A 342 25.48 17.21 47.50
C LEU A 342 24.34 17.03 46.52
N ILE A 343 24.51 17.57 45.32
CA ILE A 343 23.44 17.62 44.32
C ILE A 343 23.88 17.19 42.92
N ASP A 344 25.12 16.73 42.75
CA ASP A 344 25.60 16.32 41.44
C ASP A 344 25.51 14.80 41.25
N GLY A 345 26.22 14.04 42.08
CA GLY A 345 26.22 12.60 41.95
C GLY A 345 25.12 12.01 42.81
N TRP A 346 25.31 10.75 43.21
CA TRP A 346 24.62 10.22 44.38
C TRP A 346 25.52 10.21 45.59
N TYR A 347 26.80 10.44 45.40
CA TYR A 347 27.80 10.12 46.40
C TYR A 347 28.00 11.32 47.29
N GLY A 348 29.23 11.50 47.75
CA GLY A 348 29.63 12.79 48.29
C GLY A 348 30.93 12.74 49.04
N PHE A 349 31.60 13.91 49.10
CA PHE A 349 32.55 14.23 50.16
C PHE A 349 31.92 15.28 51.06
N ARG A 350 32.18 15.18 52.37
CA ARG A 350 31.83 16.26 53.29
C ARG A 350 32.92 16.38 54.36
N HIS A 351 33.53 17.55 54.46
CA HIS A 351 34.23 17.92 55.68
C HIS A 351 33.49 19.06 56.40
N GLN A 352 33.87 19.26 57.66
CA GLN A 352 33.40 20.38 58.47
C GLN A 352 34.45 20.60 59.56
N ASN A 353 34.70 21.86 59.91
CA ASN A 353 35.80 22.20 60.81
C ASN A 353 35.41 23.41 61.65
N ALA A 354 36.42 24.08 62.22
CA ALA A 354 36.21 25.37 62.87
C ALA A 354 36.27 26.53 61.88
N GLN A 355 36.30 26.24 60.58
CA GLN A 355 36.20 27.25 59.55
C GLN A 355 34.83 27.28 58.89
N GLY A 356 34.32 26.13 58.43
CA GLY A 356 33.05 26.13 57.74
C GLY A 356 32.33 24.81 57.61
N GLU A 357 31.46 24.72 56.62
CA GLU A 357 30.58 23.59 56.37
C GLU A 357 30.36 23.42 54.87
N GLY A 358 30.55 22.20 54.39
CA GLY A 358 30.52 21.97 52.96
C GLY A 358 30.16 20.56 52.52
N THR A 359 29.27 20.49 51.53
CA THR A 359 28.88 19.25 50.89
C THR A 359 29.55 19.20 49.52
N ALA A 360 30.61 18.40 49.41
CA ALA A 360 31.45 18.36 48.20
C ALA A 360 31.32 16.98 47.54
N ALA A 361 32.21 16.73 46.57
CA ALA A 361 32.21 15.45 45.88
C ALA A 361 33.60 14.84 46.03
N ASP A 362 33.64 13.51 46.07
CA ASP A 362 34.90 12.77 46.17
C ASP A 362 35.10 11.96 44.90
N TYR A 363 36.17 12.28 44.18
CA TYR A 363 36.21 12.37 42.72
C TYR A 363 36.27 11.04 41.97
N LYS A 364 36.95 10.03 42.51
CA LYS A 364 37.38 8.91 41.69
C LYS A 364 36.30 7.88 41.39
N SER A 365 35.04 8.14 41.73
CA SER A 365 33.95 7.34 41.22
C SER A 365 32.68 8.13 40.96
N THR A 366 32.71 9.46 41.13
CA THR A 366 31.49 10.23 41.36
C THR A 366 30.65 10.37 40.10
N GLN A 367 31.31 10.49 38.95
CA GLN A 367 30.55 10.38 37.71
C GLN A 367 30.33 8.93 37.28
N SER A 368 31.08 7.97 37.82
CA SER A 368 31.12 6.62 37.26
C SER A 368 29.83 5.82 37.49
N ALA A 369 28.84 6.41 38.17
CA ALA A 369 27.44 6.00 38.19
C ALA A 369 26.71 6.32 36.89
N ILE A 370 27.43 6.71 35.84
CA ILE A 370 26.90 6.62 34.49
C ILE A 370 27.41 5.35 33.81
N ASP A 371 28.54 4.82 34.28
CA ASP A 371 29.38 4.05 33.37
C ASP A 371 28.93 2.60 33.17
N GLN A 372 28.41 1.95 34.21
CA GLN A 372 27.70 0.70 33.96
C GLN A 372 26.22 0.96 33.77
N ILE A 373 25.81 2.17 34.15
CA ILE A 373 24.45 2.65 33.99
C ILE A 373 24.17 3.05 32.54
N THR A 374 25.22 3.32 31.77
CA THR A 374 25.00 3.48 30.34
C THR A 374 24.94 2.13 29.64
N GLY A 375 25.39 1.06 30.30
CA GLY A 375 25.58 -0.18 29.59
C GLY A 375 24.36 -1.08 29.56
N LYS A 376 23.53 -1.04 30.61
CA LYS A 376 22.35 -1.88 30.76
C LYS A 376 21.39 -1.78 29.58
N LEU A 377 21.29 -0.60 28.96
CA LEU A 377 20.01 -0.16 28.43
C LEU A 377 19.84 -0.49 26.96
N ASN A 378 20.91 -0.58 26.20
CA ASN A 378 20.74 -0.91 24.78
C ASN A 378 20.74 -2.40 24.55
N ARG A 379 21.44 -3.17 25.40
CA ARG A 379 21.25 -4.62 25.45
C ARG A 379 19.80 -4.93 25.81
N LEU A 380 19.23 -4.16 26.73
CA LEU A 380 17.82 -4.26 27.13
C LEU A 380 16.86 -3.70 26.08
N ILE A 381 17.07 -2.46 25.63
CA ILE A 381 16.25 -1.97 24.52
C ILE A 381 16.93 -2.51 23.27
N ALA A 382 16.61 -3.76 22.92
CA ALA A 382 17.43 -4.59 22.06
C ALA A 382 17.01 -4.41 20.61
N LYS A 383 17.48 -5.32 19.76
CA LYS A 383 17.30 -5.22 18.32
C LYS A 383 16.35 -6.30 17.82
N THR A 384 15.32 -5.86 17.10
CA THR A 384 14.37 -6.79 16.50
C THR A 384 14.50 -6.72 14.99
N ASN A 385 14.68 -7.88 14.36
CA ASN A 385 15.04 -7.90 12.95
C ASN A 385 14.22 -8.88 12.14
N GLN A 386 13.48 -9.76 12.78
CA GLN A 386 12.69 -10.75 12.06
C GLN A 386 11.39 -10.10 11.60
N GLN A 387 11.06 -10.34 10.35
CA GLN A 387 9.83 -9.87 9.76
C GLN A 387 8.78 -10.96 9.81
N PHE A 388 7.57 -10.60 10.25
CA PHE A 388 6.47 -11.54 10.30
C PHE A 388 5.35 -11.16 9.34
N LYS A 389 4.92 -12.13 8.57
CA LYS A 389 4.00 -12.04 7.46
C LYS A 389 2.56 -12.02 8.00
N LEU A 390 1.57 -12.22 7.14
CA LEU A 390 0.16 -12.14 7.50
C LEU A 390 -0.44 -13.52 7.29
N ILE A 391 -0.47 -14.35 8.35
CA ILE A 391 -0.98 -15.71 8.26
C ILE A 391 -2.51 -15.79 8.24
N ASP A 392 -3.20 -14.78 8.77
CA ASP A 392 -4.65 -14.77 8.89
C ASP A 392 -5.23 -13.42 8.49
N ASN A 393 -6.54 -13.41 8.24
CA ASN A 393 -7.24 -12.28 7.64
C ASN A 393 -8.28 -11.74 8.62
N GLU A 394 -8.23 -10.42 8.87
CA GLU A 394 -9.21 -9.82 9.78
C GLU A 394 -10.46 -9.34 9.06
N PHE A 395 -10.49 -9.40 7.73
CA PHE A 395 -11.71 -8.96 7.08
C PHE A 395 -12.63 -10.13 6.82
N ASN A 396 -12.11 -11.25 6.29
CA ASN A 396 -12.95 -12.43 6.08
C ASN A 396 -12.23 -13.77 6.31
N GLU A 397 -12.45 -14.33 7.51
CA GLU A 397 -12.67 -15.75 7.81
C GLU A 397 -11.74 -16.81 7.23
N VAL A 398 -10.52 -16.94 7.77
CA VAL A 398 -9.76 -18.19 7.58
C VAL A 398 -10.56 -19.37 8.14
N GLU A 399 -10.27 -20.56 7.63
CA GLU A 399 -11.01 -21.76 7.99
C GLU A 399 -10.82 -22.08 9.47
N LYS A 400 -11.87 -22.65 10.05
CA LYS A 400 -12.04 -22.71 11.50
C LYS A 400 -10.97 -23.56 12.16
N GLN A 401 -10.59 -24.69 11.55
CA GLN A 401 -9.68 -25.62 12.20
C GLN A 401 -8.27 -25.07 12.28
N ILE A 402 -7.68 -24.68 11.14
CA ILE A 402 -6.43 -23.93 11.14
C ILE A 402 -6.55 -22.61 11.87
N GLY A 403 -7.68 -21.90 11.74
CA GLY A 403 -7.93 -20.72 12.54
C GLY A 403 -7.90 -20.95 14.02
N ASN A 404 -8.45 -22.08 14.48
CA ASN A 404 -8.23 -22.53 15.84
C ASN A 404 -6.78 -22.85 16.12
N VAL A 405 -6.10 -23.52 15.19
CA VAL A 405 -4.68 -23.83 15.40
C VAL A 405 -3.86 -22.56 15.42
N ILE A 406 -4.19 -21.60 14.54
CA ILE A 406 -3.51 -20.30 14.53
C ILE A 406 -3.73 -19.56 15.82
N ASN A 407 -5.00 -19.43 16.24
CA ASN A 407 -5.33 -18.81 17.52
C ASN A 407 -4.72 -19.56 18.70
N TRP A 408 -4.74 -20.89 18.68
CA TRP A 408 -4.06 -21.63 19.74
C TRP A 408 -2.56 -21.42 19.70
N THR A 409 -1.98 -21.39 18.50
CA THR A 409 -0.54 -21.18 18.42
C THR A 409 -0.19 -19.75 18.79
N ARG A 410 -0.99 -18.76 18.35
CA ARG A 410 -0.72 -17.37 18.70
C ARG A 410 -0.87 -17.11 20.18
N ASP A 411 -1.95 -17.62 20.79
CA ASP A 411 -2.15 -17.59 22.24
C ASP A 411 -1.06 -18.30 23.01
N SER A 412 -0.63 -19.47 22.54
CA SER A 412 0.50 -20.15 23.14
C SER A 412 1.77 -19.35 23.04
N ILE A 413 2.08 -18.84 21.85
CA ILE A 413 3.17 -17.89 21.66
C ILE A 413 2.99 -16.64 22.50
N THR A 414 1.75 -16.11 22.56
CA THR A 414 1.42 -14.97 23.41
C THR A 414 1.73 -15.25 24.86
N GLU A 415 1.34 -16.44 25.33
CA GLU A 415 1.60 -16.82 26.71
C GLU A 415 3.08 -16.96 26.99
N VAL A 416 3.87 -17.37 26.00
CA VAL A 416 5.32 -17.46 26.17
C VAL A 416 5.95 -16.08 26.27
N TRP A 417 5.66 -15.18 25.30
CA TRP A 417 6.29 -13.85 25.30
C TRP A 417 5.86 -13.01 26.49
N SER A 418 4.60 -13.11 26.89
CA SER A 418 4.10 -12.46 28.09
C SER A 418 4.71 -12.99 29.37
N TYR A 419 4.94 -14.30 29.46
CA TYR A 419 5.68 -14.90 30.56
C TYR A 419 7.10 -14.37 30.62
N ASN A 420 7.76 -14.31 29.47
CA ASN A 420 9.13 -13.81 29.36
C ASN A 420 9.24 -12.32 29.65
N ALA A 421 8.17 -11.57 29.40
CA ALA A 421 8.13 -10.14 29.66
C ALA A 421 8.42 -9.80 31.11
N GLU A 422 7.77 -10.49 32.05
CA GLU A 422 7.83 -10.07 33.44
C GLU A 422 9.06 -10.57 34.19
N LEU A 423 9.92 -11.39 33.57
CA LEU A 423 11.13 -11.85 34.24
C LEU A 423 12.32 -10.94 33.99
N LEU A 424 12.29 -10.17 32.90
CA LEU A 424 13.42 -9.34 32.51
C LEU A 424 13.63 -8.17 33.46
N VAL A 425 12.55 -7.75 34.12
CA VAL A 425 12.56 -6.50 34.88
C VAL A 425 13.16 -6.70 36.27
N ALA A 426 12.95 -7.88 36.84
CA ALA A 426 13.19 -8.08 38.25
C ALA A 426 14.67 -8.11 38.59
N MET A 427 15.50 -8.42 37.60
CA MET A 427 16.95 -8.42 37.78
C MET A 427 17.52 -7.02 37.73
N GLU A 428 16.87 -6.10 37.02
CA GLU A 428 17.43 -4.77 36.82
C GLU A 428 17.32 -3.90 38.06
N ASN A 429 16.23 -4.07 38.80
CA ASN A 429 16.13 -3.62 40.17
C ASN A 429 17.24 -4.17 41.05
N GLN A 430 17.54 -5.48 40.94
CA GLN A 430 18.67 -6.06 41.65
C GLN A 430 19.99 -5.50 41.13
N HIS A 431 20.09 -5.28 39.81
CA HIS A 431 21.33 -4.78 39.20
C HIS A 431 21.59 -3.31 39.50
N THR A 432 20.72 -2.66 40.28
CA THR A 432 20.93 -1.29 40.71
C THR A 432 21.35 -1.21 42.16
N ILE A 433 20.94 -2.20 42.96
CA ILE A 433 21.24 -2.20 44.39
C ILE A 433 22.72 -2.43 44.63
N ASP A 434 23.32 -3.32 43.84
CA ASP A 434 24.72 -3.69 43.96
C ASP A 434 25.66 -2.54 43.71
N LEU A 435 25.28 -1.60 42.83
CA LEU A 435 26.12 -0.47 42.49
C LEU A 435 26.20 0.54 43.62
N ALA A 436 25.11 0.68 44.37
CA ALA A 436 25.21 1.38 45.63
C ALA A 436 26.02 0.59 46.63
N ASP A 437 25.86 -0.72 46.66
CA ASP A 437 26.69 -1.55 47.53
C ASP A 437 28.14 -1.57 47.10
N SER A 438 28.41 -1.69 45.79
CA SER A 438 29.80 -1.75 45.36
C SER A 438 30.47 -0.38 45.39
N GLU A 439 29.72 0.70 45.55
CA GLU A 439 30.35 1.95 45.90
C GLU A 439 30.45 2.13 47.39
N MET A 440 29.54 1.53 48.16
CA MET A 440 29.54 1.74 49.59
C MET A 440 30.77 1.12 50.22
N ASP A 441 31.10 -0.10 49.84
CA ASP A 441 32.32 -0.70 50.34
C ASP A 441 33.55 -0.03 49.75
N LYS A 442 33.49 0.34 48.46
CA LYS A 442 34.55 1.12 47.78
C LYS A 442 34.94 2.35 48.56
N LEU A 443 33.97 3.15 48.98
CA LEU A 443 34.22 4.26 49.89
C LEU A 443 34.74 3.76 51.22
N TYR A 444 34.15 2.68 51.74
CA TYR A 444 34.58 2.15 53.02
C TYR A 444 36.01 1.62 52.95
N GLU A 445 36.35 0.99 51.83
CA GLU A 445 37.66 0.41 51.65
C GLU A 445 38.69 1.48 51.35
N ARG A 446 38.27 2.60 50.74
CA ARG A 446 39.17 3.73 50.53
C ARG A 446 39.51 4.44 51.84
N VAL A 447 38.51 4.68 52.70
CA VAL A 447 38.70 5.61 53.81
C VAL A 447 39.54 5.00 54.92
N LYS A 448 39.65 3.69 54.98
CA LYS A 448 40.43 3.08 56.04
C LYS A 448 41.89 2.90 55.61
N ARG A 449 42.18 3.12 54.31
CA ARG A 449 43.55 2.93 53.81
C ARG A 449 44.41 4.18 53.78
N GLN A 450 43.88 5.37 53.45
CA GLN A 450 44.73 6.53 53.29
C GLN A 450 45.14 7.15 54.63
N LEU A 451 44.35 6.94 55.68
CA LEU A 451 44.65 7.38 57.05
C LEU A 451 44.84 6.17 57.99
N ARG A 452 46.09 5.75 58.18
CA ARG A 452 46.34 4.42 58.74
C ARG A 452 46.07 4.23 60.22
N GLU A 453 46.82 4.88 61.10
CA GLU A 453 46.58 4.78 62.54
C GLU A 453 45.84 6.01 63.05
N ASN A 454 44.81 6.44 62.31
CA ASN A 454 44.18 7.74 62.48
C ASN A 454 42.66 7.67 62.56
N ALA A 455 42.11 6.54 62.98
CA ALA A 455 40.68 6.30 62.94
C ALA A 455 40.32 5.16 63.87
N GLU A 456 39.05 5.17 64.29
CA GLU A 456 38.28 4.05 64.80
C GLU A 456 36.94 4.02 64.08
N GLU A 457 36.47 2.82 63.74
CA GLU A 457 35.37 2.65 62.80
C GLU A 457 34.02 2.87 63.48
N ASP A 458 33.06 3.42 62.72
CA ASP A 458 32.14 4.32 63.40
C ASP A 458 30.76 3.73 63.71
N GLY A 459 29.98 3.36 62.70
CA GLY A 459 28.58 3.08 62.92
C GLY A 459 27.66 4.08 62.24
N THR A 460 28.21 5.25 61.88
CA THR A 460 27.50 6.32 61.18
C THR A 460 28.13 6.67 59.83
N GLY A 461 29.29 6.08 59.52
CA GLY A 461 29.96 6.37 58.28
C GLY A 461 30.69 7.66 58.31
N CYS A 462 31.48 7.89 59.34
CA CYS A 462 32.10 9.17 59.61
C CYS A 462 33.44 8.92 60.28
N PHE A 463 34.53 9.42 59.73
CA PHE A 463 35.77 9.12 60.42
C PHE A 463 36.17 10.25 61.33
N GLU A 464 36.73 9.87 62.47
CA GLU A 464 37.26 10.83 63.43
C GLU A 464 38.76 10.92 63.21
N ILE A 465 39.19 12.03 62.64
CA ILE A 465 40.59 12.27 62.29
C ILE A 465 41.40 12.47 63.57
N PHE A 466 42.45 11.67 63.75
CA PHE A 466 43.24 11.67 64.98
C PHE A 466 44.27 12.79 65.07
N HIS A 467 44.15 13.85 64.26
CA HIS A 467 45.03 15.00 64.36
C HIS A 467 44.29 16.27 63.94
N LYS A 468 44.99 17.41 64.05
CA LYS A 468 44.45 18.73 63.71
C LYS A 468 44.24 18.80 62.20
N CYS A 469 43.15 19.40 61.76
CA CYS A 469 42.87 19.46 60.33
C CYS A 469 42.06 20.72 59.99
N ASP A 470 42.72 21.67 59.30
CA ASP A 470 42.11 22.84 58.69
C ASP A 470 41.99 22.63 57.18
N ASP A 471 41.69 23.70 56.42
CA ASP A 471 41.33 23.59 55.00
C ASP A 471 42.48 23.06 54.13
N ASP A 472 43.72 23.46 54.43
CA ASP A 472 44.86 22.92 53.70
C ASP A 472 45.06 21.43 54.03
N CYS A 473 44.61 21.00 55.20
CA CYS A 473 44.58 19.57 55.52
C CYS A 473 43.39 18.87 54.87
N MET A 474 42.30 19.60 54.59
CA MET A 474 41.17 19.03 53.85
C MET A 474 41.53 18.72 52.40
N ALA A 475 42.57 19.38 51.88
CA ALA A 475 43.02 19.17 50.51
C ALA A 475 44.05 18.05 50.39
N SER A 476 44.03 17.06 51.28
CA SER A 476 45.00 15.97 51.23
C SER A 476 44.37 14.61 50.99
N ILE A 477 43.35 14.22 51.75
CA ILE A 477 42.66 12.95 51.52
C ILE A 477 41.67 13.03 50.36
N ARG A 478 41.07 14.21 50.11
CA ARG A 478 40.05 14.35 49.06
C ARG A 478 40.59 14.14 47.66
N ASN A 479 41.85 14.47 47.43
CA ASN A 479 42.47 14.37 46.12
C ASN A 479 43.78 13.60 46.12
N ASN A 480 43.94 12.69 47.09
CA ASN A 480 44.97 11.65 47.07
C ASN A 480 46.37 12.25 47.19
N THR A 481 46.50 13.21 48.10
CA THR A 481 47.76 13.90 48.40
C THR A 481 48.04 13.93 49.90
N TYR A 482 47.59 12.94 50.64
CA TYR A 482 47.82 12.90 52.08
C TYR A 482 49.09 12.12 52.41
N ASP A 483 49.90 12.68 53.29
CA ASP A 483 51.14 12.07 53.75
C ASP A 483 50.84 11.31 55.06
N HIS A 484 50.55 10.00 54.96
CA HIS A 484 50.29 9.22 56.17
C HIS A 484 51.55 8.65 56.79
N ARG A 485 52.70 9.28 56.57
CA ARG A 485 53.90 9.02 57.37
C ARG A 485 54.20 10.19 58.30
N LYS A 486 53.85 11.40 57.87
CA LYS A 486 54.33 12.63 58.50
C LYS A 486 53.58 12.99 59.78
N TYR A 487 52.28 12.68 59.86
CA TYR A 487 51.44 13.05 60.99
C TYR A 487 51.20 11.91 61.98
N ARG A 488 52.09 10.93 62.10
CA ARG A 488 51.74 9.75 62.87
C ARG A 488 52.35 9.76 64.26
N GLU A 489 53.32 10.64 64.50
CA GLU A 489 53.84 10.79 65.85
C GLU A 489 52.83 11.47 66.78
N GLU A 490 51.96 12.32 66.24
CA GLU A 490 51.00 13.08 67.02
C GLU A 490 49.60 12.48 66.98
N ALA A 491 49.31 11.59 66.03
CA ALA A 491 48.02 10.91 66.00
C ALA A 491 47.95 9.72 66.96
N MET A 492 49.10 9.15 67.36
CA MET A 492 49.12 8.11 68.38
C MET A 492 48.77 8.63 69.76
N GLN A 493 49.00 9.91 70.03
CA GLN A 493 48.63 10.49 71.31
C GLN A 493 47.25 11.14 71.30
N ASN A 494 46.38 10.76 70.37
CA ASN A 494 45.08 11.40 70.26
C ASN A 494 44.03 10.39 69.80
N MET B 1 -28.42 -1.73 -37.54
CA MET B 1 -27.20 -0.94 -37.63
C MET B 1 -27.42 0.47 -37.11
N VAL B 2 -26.57 0.89 -36.18
CA VAL B 2 -26.72 2.20 -35.55
C VAL B 2 -26.25 3.28 -36.53
N GLN B 3 -27.05 4.33 -36.66
CA GLN B 3 -26.68 5.52 -37.42
C GLN B 3 -27.35 6.72 -36.77
N LEU B 4 -26.57 7.76 -36.51
CA LEU B 4 -27.06 8.97 -35.84
C LEU B 4 -26.79 10.20 -36.69
N GLN B 5 -27.70 11.17 -36.61
CA GLN B 5 -27.76 12.34 -37.48
C GLN B 5 -27.83 13.62 -36.66
N GLU B 6 -27.01 14.61 -37.02
CA GLU B 6 -27.06 15.93 -36.39
C GLU B 6 -28.05 16.83 -37.12
N SER B 7 -28.31 17.99 -36.51
CA SER B 7 -29.02 19.08 -37.18
C SER B 7 -28.58 20.39 -36.53
N GLY B 8 -28.70 21.47 -37.30
CA GLY B 8 -28.31 22.78 -36.84
C GLY B 8 -27.99 23.76 -37.95
N PRO B 9 -28.28 25.04 -37.71
CA PRO B 9 -27.93 26.07 -38.71
C PRO B 9 -26.46 26.45 -38.63
N GLY B 10 -25.91 26.84 -39.78
CA GLY B 10 -24.48 26.93 -39.94
C GLY B 10 -23.83 28.29 -39.77
N LEU B 11 -24.48 29.23 -39.07
CA LEU B 11 -23.90 30.55 -38.86
C LEU B 11 -24.07 30.96 -37.41
N VAL B 12 -23.05 31.62 -36.86
CA VAL B 12 -23.13 32.22 -35.53
C VAL B 12 -22.18 33.42 -35.48
N LYS B 13 -22.68 34.53 -34.94
CA LYS B 13 -21.84 35.70 -34.68
C LYS B 13 -21.28 35.59 -33.27
N PRO B 14 -20.10 36.18 -32.99
CA PRO B 14 -19.54 36.14 -31.63
C PRO B 14 -20.47 36.68 -30.54
N SER B 15 -20.45 35.98 -29.40
CA SER B 15 -21.25 36.09 -28.19
C SER B 15 -22.73 35.74 -28.41
N GLN B 16 -23.10 35.06 -29.48
CA GLN B 16 -24.47 34.60 -29.67
C GLN B 16 -24.64 33.16 -29.23
N SER B 17 -25.79 32.61 -29.57
CA SER B 17 -26.19 31.27 -29.15
C SER B 17 -26.51 30.42 -30.38
N LEU B 18 -25.71 29.39 -30.61
CA LEU B 18 -25.98 28.42 -31.67
C LEU B 18 -26.03 27.04 -31.03
N SER B 19 -27.12 26.32 -31.29
CA SER B 19 -27.40 25.06 -30.63
C SER B 19 -26.96 23.90 -31.50
N LEU B 20 -26.59 22.79 -30.86
CA LEU B 20 -26.27 21.55 -31.56
C LEU B 20 -27.18 20.43 -31.05
N THR B 21 -27.73 19.68 -32.00
CA THR B 21 -28.88 18.82 -31.78
C THR B 21 -28.66 17.51 -32.54
N CYS B 22 -28.61 16.40 -31.81
CA CYS B 22 -28.31 15.09 -32.36
C CYS B 22 -29.50 14.16 -32.15
N THR B 23 -29.88 13.44 -33.21
CA THR B 23 -31.00 12.51 -33.16
C THR B 23 -30.53 11.10 -33.46
N VAL B 24 -31.02 10.13 -32.68
CA VAL B 24 -30.59 8.75 -32.78
C VAL B 24 -31.79 7.89 -33.14
N THR B 25 -31.72 7.21 -34.30
CA THR B 25 -32.80 6.40 -34.81
C THR B 25 -32.51 4.93 -34.55
N GLY B 26 -33.42 4.26 -33.85
CA GLY B 26 -33.33 2.84 -33.62
C GLY B 26 -32.85 2.42 -32.25
N TYR B 27 -32.11 3.26 -31.53
CA TYR B 27 -31.54 2.84 -30.26
C TYR B 27 -31.70 3.95 -29.24
N SER B 28 -31.99 3.53 -28.01
CA SER B 28 -32.40 4.45 -26.96
C SER B 28 -31.18 5.01 -26.23
N ILE B 29 -31.46 5.92 -25.30
CA ILE B 29 -30.41 6.55 -24.51
C ILE B 29 -30.48 6.18 -23.04
N THR B 30 -31.50 5.42 -22.65
CA THR B 30 -31.68 5.00 -21.27
C THR B 30 -30.87 3.74 -20.93
N SER B 31 -30.59 2.89 -21.92
CA SER B 31 -29.67 1.78 -21.72
C SER B 31 -28.24 2.29 -21.59
N ASP B 32 -27.48 1.67 -20.68
CA ASP B 32 -26.43 2.37 -19.95
C ASP B 32 -25.10 2.62 -20.68
N TYR B 33 -25.05 3.66 -21.53
CA TYR B 33 -23.80 4.19 -22.05
C TYR B 33 -23.89 5.71 -22.11
N THR B 34 -22.73 6.36 -22.15
CA THR B 34 -22.66 7.82 -22.15
C THR B 34 -22.71 8.36 -23.58
N TRP B 35 -22.84 9.69 -23.70
CA TRP B 35 -23.06 10.35 -24.99
C TRP B 35 -22.23 11.63 -25.07
N ASN B 36 -21.04 11.53 -25.66
CA ASN B 36 -20.08 12.63 -25.78
C ASN B 36 -20.31 13.45 -27.04
N TRP B 37 -19.83 14.69 -26.99
CA TRP B 37 -19.66 15.56 -28.15
C TRP B 37 -18.19 15.91 -28.32
N ILE B 38 -17.70 15.86 -29.56
CA ILE B 38 -16.28 15.95 -29.85
C ILE B 38 -16.04 17.08 -30.85
N ARG B 39 -14.95 17.82 -30.64
CA ARG B 39 -14.63 19.05 -31.36
C ARG B 39 -13.48 18.84 -32.35
N GLN B 40 -13.55 19.50 -33.51
CA GLN B 40 -12.67 19.23 -34.64
C GLN B 40 -12.13 20.56 -35.20
N PHE B 41 -10.82 20.75 -35.16
CA PHE B 41 -10.26 22.05 -35.49
C PHE B 41 -9.85 22.14 -36.96
N PRO B 42 -9.67 23.36 -37.48
CA PRO B 42 -8.93 23.53 -38.74
C PRO B 42 -7.45 23.23 -38.54
N GLY B 43 -6.95 22.18 -39.20
CA GLY B 43 -5.68 21.57 -38.85
C GLY B 43 -5.83 20.29 -38.05
N ASN B 44 -7.06 19.73 -38.05
CA ASN B 44 -7.51 18.44 -37.49
C ASN B 44 -6.87 18.07 -36.14
N LYS B 45 -6.79 19.06 -35.26
CA LYS B 45 -6.61 18.88 -33.83
C LYS B 45 -7.99 18.63 -33.21
N LEU B 46 -8.04 17.79 -32.18
CA LEU B 46 -9.31 17.39 -31.60
C LEU B 46 -9.32 17.55 -30.08
N GLU B 47 -10.48 17.91 -29.53
CA GLU B 47 -10.70 17.93 -28.09
C GLU B 47 -12.13 17.48 -27.78
N TRP B 48 -12.29 16.87 -26.60
CA TRP B 48 -13.59 16.45 -26.11
C TRP B 48 -14.11 17.56 -25.20
N MET B 49 -15.42 17.64 -24.99
CA MET B 49 -15.91 18.75 -24.18
C MET B 49 -16.91 18.33 -23.10
N GLY B 50 -17.68 17.26 -23.30
CA GLY B 50 -18.61 16.85 -22.26
C GLY B 50 -19.48 15.70 -22.73
N TYR B 51 -20.25 15.16 -21.77
CA TYR B 51 -21.21 14.11 -22.09
C TYR B 51 -22.39 14.11 -21.11
N ILE B 52 -23.51 13.58 -21.59
CA ILE B 52 -24.65 13.17 -20.79
C ILE B 52 -24.72 11.65 -20.85
N THR B 53 -25.18 11.05 -19.76
CA THR B 53 -25.24 9.61 -19.62
C THR B 53 -26.67 9.11 -19.82
N TYR B 54 -26.86 7.83 -19.50
CA TYR B 54 -28.18 7.26 -19.39
C TYR B 54 -28.88 7.67 -18.10
N SER B 55 -28.11 8.19 -17.14
CA SER B 55 -28.52 8.33 -15.75
C SER B 55 -28.58 9.78 -15.30
N ASP B 56 -28.66 10.73 -16.25
CA ASP B 56 -28.77 12.17 -16.01
C ASP B 56 -27.66 12.75 -15.15
N THR B 57 -26.41 12.53 -15.50
CA THR B 57 -25.33 13.30 -14.87
C THR B 57 -24.43 13.92 -15.93
N THR B 58 -23.81 15.05 -15.59
CA THR B 58 -23.00 15.81 -16.52
C THR B 58 -21.58 15.90 -16.00
N SER B 59 -20.63 15.97 -16.92
CA SER B 59 -19.24 16.29 -16.60
C SER B 59 -18.58 16.86 -17.84
N TYR B 60 -17.77 17.90 -17.64
CA TYR B 60 -17.32 18.73 -18.74
C TYR B 60 -15.81 18.94 -18.70
N ASN B 61 -15.32 19.62 -19.72
CA ASN B 61 -13.89 19.90 -19.85
C ASN B 61 -13.51 21.01 -18.87
N PRO B 62 -12.48 20.83 -18.04
CA PRO B 62 -12.18 21.84 -17.00
C PRO B 62 -11.63 23.17 -17.49
N SER B 63 -11.59 23.43 -18.80
CA SER B 63 -11.40 24.79 -19.28
C SER B 63 -12.69 25.41 -19.78
N LEU B 64 -13.79 24.66 -19.78
CA LEU B 64 -15.00 25.05 -20.47
C LEU B 64 -16.27 24.88 -19.64
N LYS B 65 -16.17 24.63 -18.33
CA LYS B 65 -17.36 24.25 -17.57
C LYS B 65 -18.30 25.42 -17.35
N SER B 66 -17.80 26.64 -17.49
CA SER B 66 -18.64 27.82 -17.37
C SER B 66 -19.41 28.16 -18.65
N ARG B 67 -19.34 27.31 -19.66
CA ARG B 67 -19.92 27.63 -20.96
C ARG B 67 -20.94 26.61 -21.44
N ILE B 68 -20.95 25.40 -20.91
CA ILE B 68 -21.62 24.26 -21.51
C ILE B 68 -22.86 23.92 -20.67
N SER B 69 -23.93 23.51 -21.35
CA SER B 69 -25.03 22.81 -20.72
C SER B 69 -25.41 21.64 -21.59
N ILE B 70 -25.42 20.43 -21.03
CA ILE B 70 -25.91 19.27 -21.74
C ILE B 70 -27.17 18.76 -21.03
N THR B 71 -28.23 18.58 -21.80
CA THR B 71 -29.49 18.00 -21.37
C THR B 71 -29.97 17.10 -22.49
N ARG B 72 -31.03 16.33 -22.22
CA ARG B 72 -31.48 15.39 -23.23
C ARG B 72 -32.97 15.14 -23.11
N ASP B 73 -33.55 14.64 -24.20
CA ASP B 73 -35.00 14.54 -24.37
C ASP B 73 -35.33 13.17 -24.93
N THR B 74 -36.51 12.65 -24.60
CA THR B 74 -36.82 11.24 -24.87
C THR B 74 -37.78 11.07 -26.05
N SER B 75 -38.79 11.94 -26.19
CA SER B 75 -39.77 11.79 -27.26
C SER B 75 -39.15 12.08 -28.61
N LYS B 76 -38.17 12.98 -28.66
CA LYS B 76 -37.35 13.19 -29.84
C LYS B 76 -36.20 12.19 -29.95
N ASN B 77 -35.82 11.56 -28.82
CA ASN B 77 -34.59 10.78 -28.64
C ASN B 77 -33.38 11.63 -28.97
N GLN B 78 -33.18 12.67 -28.18
CA GLN B 78 -32.28 13.77 -28.52
C GLN B 78 -31.46 14.15 -27.30
N PHE B 79 -30.23 14.64 -27.54
CA PHE B 79 -29.41 15.23 -26.50
C PHE B 79 -28.84 16.57 -26.99
N PHE B 80 -28.75 17.52 -26.06
CA PHE B 80 -28.90 18.94 -26.36
C PHE B 80 -27.77 19.76 -25.74
N LEU B 81 -26.93 20.36 -26.58
CA LEU B 81 -25.96 21.35 -26.12
C LEU B 81 -26.30 22.70 -26.74
N GLN B 82 -26.28 23.74 -25.92
CA GLN B 82 -26.27 25.11 -26.41
C GLN B 82 -25.04 25.80 -25.84
N LEU B 83 -24.22 26.36 -26.73
CA LEU B 83 -22.94 26.92 -26.36
C LEU B 83 -22.99 28.43 -26.47
N ASN B 84 -22.84 29.10 -25.33
CA ASN B 84 -22.83 30.55 -25.25
C ASN B 84 -21.41 31.06 -25.10
N SER B 85 -21.29 32.40 -25.11
CA SER B 85 -20.03 33.15 -24.99
C SER B 85 -19.02 32.71 -26.05
N VAL B 86 -19.52 32.57 -27.28
CA VAL B 86 -18.70 32.03 -28.36
C VAL B 86 -17.68 33.06 -28.83
N THR B 87 -16.73 32.60 -29.63
CA THR B 87 -15.68 33.43 -30.21
C THR B 87 -15.41 32.90 -31.62
N THR B 88 -14.86 33.74 -32.49
CA THR B 88 -14.54 33.37 -33.87
C THR B 88 -13.51 32.25 -33.94
N GLU B 89 -12.70 32.05 -32.89
CA GLU B 89 -11.76 30.94 -32.83
C GLU B 89 -12.43 29.57 -32.84
N ASP B 90 -13.67 29.48 -32.40
CA ASP B 90 -14.35 28.21 -32.20
C ASP B 90 -14.99 27.63 -33.47
N THR B 91 -14.52 28.01 -34.65
CA THR B 91 -14.94 27.37 -35.89
C THR B 91 -14.55 25.89 -35.85
N ALA B 92 -15.54 25.01 -35.82
CA ALA B 92 -15.22 23.62 -35.58
C ALA B 92 -16.33 22.73 -36.14
N THR B 93 -16.05 21.43 -36.15
CA THR B 93 -17.01 20.39 -36.53
C THR B 93 -17.34 19.62 -35.26
N TYR B 94 -18.63 19.42 -35.00
CA TYR B 94 -19.08 18.85 -33.74
C TYR B 94 -19.70 17.48 -33.97
N TYR B 95 -19.01 16.44 -33.50
CA TYR B 95 -19.43 15.06 -33.68
C TYR B 95 -20.16 14.57 -32.44
N CYS B 96 -21.43 14.22 -32.59
CA CYS B 96 -22.16 13.52 -31.54
C CYS B 96 -21.91 12.03 -31.74
N ALA B 97 -21.99 11.27 -30.64
CA ALA B 97 -21.50 9.92 -30.60
C ALA B 97 -22.17 9.15 -29.47
N ARG B 98 -22.38 7.84 -29.67
CA ARG B 98 -22.61 6.92 -28.57
C ARG B 98 -21.23 6.51 -28.09
N SER B 99 -20.72 7.21 -27.10
CA SER B 99 -19.34 7.04 -26.66
C SER B 99 -19.31 6.04 -25.52
N ASP B 100 -18.56 4.95 -25.71
CA ASP B 100 -18.56 3.93 -24.69
C ASP B 100 -17.70 4.34 -23.50
N GLY B 101 -16.79 5.29 -23.69
CA GLY B 101 -15.89 5.72 -22.63
C GLY B 101 -14.63 4.89 -22.47
N TRP B 102 -14.60 4.05 -21.44
CA TRP B 102 -13.43 3.24 -21.15
C TRP B 102 -13.22 2.14 -22.18
N TYR B 103 -14.28 1.72 -22.86
CA TYR B 103 -14.16 0.97 -24.11
C TYR B 103 -13.99 1.86 -25.34
N GLY B 104 -13.61 3.11 -25.16
CA GLY B 104 -13.35 3.96 -26.31
C GLY B 104 -14.55 4.76 -26.74
N PHE B 105 -14.56 5.09 -28.04
CA PHE B 105 -15.58 5.91 -28.67
C PHE B 105 -16.16 5.08 -29.80
N ALA B 106 -17.27 4.39 -29.50
CA ALA B 106 -17.71 3.28 -30.34
C ALA B 106 -18.33 3.76 -31.64
N TYR B 107 -19.47 4.47 -31.55
CA TYR B 107 -20.16 4.94 -32.74
C TYR B 107 -19.84 6.41 -32.97
N TRP B 108 -19.77 6.81 -34.24
CA TRP B 108 -19.56 8.20 -34.62
C TRP B 108 -20.61 8.63 -35.62
N GLY B 109 -20.61 9.92 -35.95
CA GLY B 109 -21.48 10.44 -36.97
C GLY B 109 -20.73 11.16 -38.08
N GLN B 110 -21.50 11.62 -39.08
CA GLN B 110 -20.90 12.27 -40.24
C GLN B 110 -20.28 13.61 -39.87
N GLY B 111 -20.85 14.30 -38.89
CA GLY B 111 -20.29 15.55 -38.43
C GLY B 111 -20.66 16.72 -39.32
N THR B 112 -20.94 17.86 -38.71
CA THR B 112 -21.37 19.04 -39.44
C THR B 112 -20.37 20.16 -39.25
N LEU B 113 -19.83 20.65 -40.37
CA LEU B 113 -18.96 21.81 -40.38
C LEU B 113 -19.82 23.07 -40.23
N VAL B 114 -19.71 23.72 -39.08
CA VAL B 114 -20.37 24.99 -38.83
C VAL B 114 -19.30 26.06 -38.78
N THR B 115 -19.68 27.30 -39.09
CA THR B 115 -18.73 28.39 -39.23
C THR B 115 -19.05 29.47 -38.21
N VAL B 116 -18.02 30.05 -37.60
CA VAL B 116 -18.17 31.16 -36.67
C VAL B 116 -17.47 32.35 -37.30
N SER B 117 -18.20 33.45 -37.50
CA SER B 117 -17.63 34.59 -38.21
C SER B 117 -18.34 35.87 -37.80
N ALA B 118 -17.71 36.99 -38.16
CA ALA B 118 -18.35 38.31 -38.12
C ALA B 118 -18.88 38.73 -39.48
N ASP C 1 -4.66 17.22 -16.86
CA ASP C 1 -4.40 17.09 -18.29
C ASP C 1 -3.23 16.13 -18.56
N ILE C 2 -3.50 15.07 -19.29
CA ILE C 2 -2.47 14.08 -19.60
C ILE C 2 -2.18 14.11 -21.10
N GLN C 3 -0.97 14.54 -21.45
CA GLN C 3 -0.62 14.93 -22.81
C GLN C 3 -0.24 13.68 -23.59
N MET C 4 -0.58 13.66 -24.88
CA MET C 4 -0.22 12.57 -25.77
C MET C 4 0.63 13.11 -26.90
N ASN C 5 1.92 12.75 -26.89
CA ASN C 5 2.89 13.25 -27.85
C ASN C 5 3.18 12.18 -28.89
N GLN C 6 2.33 12.11 -29.90
CA GLN C 6 2.42 11.07 -30.92
C GLN C 6 3.53 11.42 -31.90
N SER C 7 4.62 10.67 -31.82
CA SER C 7 5.81 10.86 -32.64
C SER C 7 5.92 9.70 -33.64
N PRO C 8 6.35 9.96 -34.89
CA PRO C 8 6.58 11.29 -35.43
C PRO C 8 5.34 11.84 -36.12
N SER C 9 5.38 13.11 -36.48
CA SER C 9 4.24 13.73 -37.15
C SER C 9 4.12 13.29 -38.60
N SER C 10 5.20 12.79 -39.19
CA SER C 10 5.20 12.41 -40.60
C SER C 10 6.11 11.22 -40.83
N LEU C 11 5.63 10.27 -41.64
CA LEU C 11 6.44 9.15 -42.11
C LEU C 11 5.80 8.58 -43.37
N SER C 12 6.63 8.33 -44.38
CA SER C 12 6.17 7.71 -45.62
C SER C 12 6.89 6.38 -45.79
N ALA C 13 6.20 5.45 -46.46
CA ALA C 13 6.75 4.12 -46.66
C ALA C 13 6.16 3.51 -47.92
N SER C 14 6.69 2.36 -48.30
CA SER C 14 6.29 1.67 -49.51
C SER C 14 5.23 0.61 -49.19
N LEU C 15 4.74 -0.04 -50.24
CA LEU C 15 3.68 -1.03 -50.07
C LEU C 15 4.28 -2.38 -49.70
N GLY C 16 3.98 -2.85 -48.48
CA GLY C 16 4.51 -4.09 -47.97
C GLY C 16 5.62 -3.93 -46.94
N ASP C 17 5.91 -2.71 -46.52
CA ASP C 17 6.93 -2.43 -45.52
C ASP C 17 6.32 -2.67 -44.12
N THR C 18 7.16 -2.52 -43.09
CA THR C 18 6.66 -2.49 -41.72
C THR C 18 6.99 -1.13 -41.11
N ILE C 19 6.01 -0.55 -40.43
CA ILE C 19 6.16 0.76 -39.79
C ILE C 19 5.79 0.65 -38.32
N THR C 20 6.60 1.31 -37.49
CA THR C 20 6.45 1.30 -36.04
C THR C 20 6.40 2.73 -35.54
N ILE C 21 5.33 3.07 -34.83
CA ILE C 21 5.05 4.45 -34.45
C ILE C 21 4.59 4.48 -33.00
N THR C 22 4.90 5.57 -32.30
CA THR C 22 4.75 5.65 -30.85
C THR C 22 3.72 6.70 -30.46
N CYS C 23 2.71 6.27 -29.70
CA CYS C 23 1.91 7.18 -28.89
C CYS C 23 2.41 7.10 -27.46
N HIS C 24 3.09 8.15 -27.05
CA HIS C 24 3.75 8.24 -25.75
C HIS C 24 2.98 9.19 -24.86
N ALA C 25 2.23 8.63 -23.91
CA ALA C 25 1.46 9.40 -22.95
C ALA C 25 2.33 9.76 -21.75
N SER C 26 1.99 10.87 -21.10
CA SER C 26 2.88 11.43 -20.09
C SER C 26 2.87 10.66 -18.78
N GLN C 27 1.75 10.03 -18.42
CA GLN C 27 1.63 9.31 -17.16
C GLN C 27 1.16 7.89 -17.45
N ASN C 28 0.87 7.15 -16.38
CA ASN C 28 0.58 5.73 -16.52
C ASN C 28 -0.91 5.50 -16.80
N ILE C 29 -1.19 4.94 -17.99
CA ILE C 29 -2.53 4.86 -18.58
C ILE C 29 -2.83 3.39 -18.84
N ASN C 30 -2.58 2.54 -17.84
CA ASN C 30 -2.13 1.14 -17.90
C ASN C 30 -2.52 0.29 -19.11
N VAL C 31 -3.82 0.15 -19.40
CA VAL C 31 -4.26 -0.54 -20.61
C VAL C 31 -5.28 0.28 -21.38
N TRP C 32 -5.49 1.53 -21.02
CA TRP C 32 -6.62 2.31 -21.54
C TRP C 32 -6.13 3.27 -22.62
N LEU C 33 -5.87 2.72 -23.81
CA LEU C 33 -5.62 3.51 -25.01
C LEU C 33 -6.43 2.96 -26.18
N SER C 34 -7.05 3.87 -26.92
CA SER C 34 -8.03 3.52 -27.94
C SER C 34 -7.75 4.31 -29.20
N TRP C 35 -7.36 3.61 -30.27
CA TRP C 35 -6.69 4.29 -31.38
C TRP C 35 -7.62 4.34 -32.58
N TYR C 36 -7.52 5.42 -33.35
CA TYR C 36 -8.56 5.87 -34.28
C TYR C 36 -7.95 6.17 -35.65
N GLN C 37 -8.68 5.82 -36.71
CA GLN C 37 -8.20 5.94 -38.09
C GLN C 37 -8.91 7.09 -38.79
N GLN C 38 -8.17 8.18 -39.07
CA GLN C 38 -8.73 9.35 -39.75
C GLN C 38 -8.41 9.29 -41.23
N LYS C 39 -9.42 9.03 -42.04
CA LYS C 39 -9.13 9.28 -43.44
C LYS C 39 -9.22 10.79 -43.73
N PRO C 40 -8.38 11.34 -44.60
CA PRO C 40 -8.55 12.75 -44.99
C PRO C 40 -9.81 12.97 -45.82
N GLY C 41 -10.83 13.55 -45.19
CA GLY C 41 -12.11 13.73 -45.84
C GLY C 41 -13.20 12.76 -45.40
N ASN C 42 -12.90 11.85 -44.49
CA ASN C 42 -13.85 10.91 -43.94
C ASN C 42 -13.66 10.84 -42.43
N ILE C 43 -14.68 10.36 -41.72
CA ILE C 43 -14.71 10.46 -40.26
C ILE C 43 -13.71 9.49 -39.64
N PRO C 44 -13.24 9.74 -38.41
CA PRO C 44 -12.46 8.72 -37.70
C PRO C 44 -13.31 7.50 -37.37
N LYS C 45 -12.66 6.34 -37.31
CA LYS C 45 -13.31 5.09 -36.93
C LYS C 45 -12.38 4.27 -36.04
N LEU C 46 -12.98 3.50 -35.14
CA LEU C 46 -12.24 2.73 -34.15
C LEU C 46 -11.58 1.51 -34.78
N LEU C 47 -10.36 1.21 -34.34
CA LEU C 47 -9.64 0.01 -34.75
C LEU C 47 -9.19 -0.86 -33.59
N ILE C 48 -8.79 -0.27 -32.47
CA ILE C 48 -8.26 -1.00 -31.31
C ILE C 48 -8.72 -0.33 -30.03
N TYR C 49 -9.38 -1.11 -29.15
CA TYR C 49 -9.76 -0.65 -27.82
C TYR C 49 -9.10 -1.53 -26.77
N LYS C 50 -8.93 -0.95 -25.57
CA LYS C 50 -8.21 -1.53 -24.44
C LYS C 50 -6.80 -1.98 -24.80
N ALA C 51 -6.19 -1.29 -25.78
CA ALA C 51 -4.84 -1.46 -26.33
C ALA C 51 -4.62 -2.78 -27.07
N PHE C 52 -5.60 -3.69 -27.05
CA PHE C 52 -5.37 -5.08 -27.46
C PHE C 52 -6.42 -5.67 -28.38
N ASP C 53 -7.65 -5.16 -28.39
CA ASP C 53 -8.77 -5.92 -28.94
C ASP C 53 -9.26 -5.30 -30.25
N LEU C 54 -9.54 -6.15 -31.23
CA LEU C 54 -10.01 -5.70 -32.55
C LEU C 54 -11.51 -5.50 -32.50
N HIS C 55 -11.96 -4.31 -32.87
CA HIS C 55 -13.39 -4.08 -33.03
C HIS C 55 -13.89 -4.86 -34.24
N THR C 56 -14.84 -5.77 -33.99
CA THR C 56 -15.19 -6.78 -34.99
C THR C 56 -15.88 -6.14 -36.21
N GLY C 57 -15.31 -6.41 -37.38
CA GLY C 57 -15.61 -5.69 -38.59
C GLY C 57 -14.37 -5.25 -39.38
N VAL C 58 -13.24 -5.07 -38.70
CA VAL C 58 -12.00 -4.65 -39.37
C VAL C 58 -11.22 -5.89 -39.81
N PRO C 59 -10.49 -5.85 -40.93
CA PRO C 59 -9.62 -6.97 -41.28
C PRO C 59 -8.46 -7.16 -40.30
N SER C 60 -7.84 -8.35 -40.39
CA SER C 60 -7.08 -8.90 -39.28
C SER C 60 -5.64 -8.40 -39.16
N ARG C 61 -5.07 -7.85 -40.23
CA ARG C 61 -3.64 -7.55 -40.27
C ARG C 61 -3.24 -6.37 -39.38
N PHE C 62 -4.19 -5.62 -38.82
CA PHE C 62 -3.90 -4.69 -37.74
C PHE C 62 -3.44 -5.45 -36.51
N SER C 63 -2.43 -4.90 -35.85
CA SER C 63 -1.96 -5.44 -34.58
C SER C 63 -1.37 -4.32 -33.77
N GLY C 64 -2.12 -3.87 -32.76
CA GLY C 64 -1.66 -2.88 -31.82
C GLY C 64 -0.99 -3.59 -30.66
N SER C 65 0.04 -2.96 -30.09
CA SER C 65 0.81 -3.58 -29.03
C SER C 65 1.35 -2.50 -28.11
N GLY C 66 2.32 -2.87 -27.30
CA GLY C 66 2.87 -2.00 -26.28
C GLY C 66 1.96 -1.95 -25.06
N SER C 67 2.55 -1.47 -23.97
CA SER C 67 1.84 -1.26 -22.71
C SER C 67 2.69 -0.34 -21.85
N GLY C 68 2.08 0.22 -20.82
CA GLY C 68 2.79 1.05 -19.85
C GLY C 68 2.76 2.53 -20.15
N THR C 69 3.93 3.15 -20.30
CA THR C 69 4.02 4.54 -20.74
C THR C 69 4.04 4.65 -22.26
N GLY C 70 4.93 3.93 -22.95
CA GLY C 70 5.01 3.97 -24.39
C GLY C 70 4.21 2.87 -25.07
N PHE C 71 3.61 3.19 -26.22
CA PHE C 71 2.70 2.30 -26.92
C PHE C 71 3.07 2.28 -28.40
N THR C 72 2.62 1.26 -29.12
CA THR C 72 3.06 1.04 -30.49
C THR C 72 2.05 0.21 -31.28
N LEU C 73 1.56 0.74 -32.39
CA LEU C 73 0.96 -0.11 -33.41
C LEU C 73 2.01 -0.43 -34.46
N THR C 74 1.79 -1.55 -35.14
CA THR C 74 2.59 -1.93 -36.31
C THR C 74 1.63 -2.25 -37.44
N ILE C 75 2.01 -1.89 -38.67
CA ILE C 75 1.41 -2.46 -39.87
C ILE C 75 2.51 -3.14 -40.67
N SER C 76 2.43 -4.46 -40.78
CA SER C 76 3.06 -5.17 -41.87
C SER C 76 2.03 -5.28 -42.98
N SER C 77 2.52 -5.35 -44.23
CA SER C 77 1.71 -5.39 -45.46
C SER C 77 0.80 -4.16 -45.57
N LEU C 78 1.46 -3.00 -45.72
CA LEU C 78 0.74 -1.77 -46.03
C LEU C 78 0.01 -1.87 -47.36
N GLN C 79 -1.16 -1.25 -47.42
CA GLN C 79 -2.09 -1.31 -48.53
C GLN C 79 -2.43 0.14 -48.89
N PRO C 80 -2.81 0.43 -50.14
CA PRO C 80 -3.00 1.85 -50.52
C PRO C 80 -4.14 2.60 -49.82
N GLU C 81 -5.11 1.91 -49.21
CA GLU C 81 -6.13 2.68 -48.48
C GLU C 81 -5.68 3.07 -47.08
N ASP C 82 -4.49 2.64 -46.66
CA ASP C 82 -4.00 2.86 -45.30
C ASP C 82 -3.47 4.28 -45.08
N ILE C 83 -3.75 5.20 -46.00
CA ILE C 83 -3.36 6.60 -45.89
C ILE C 83 -4.28 7.26 -44.87
N ALA C 84 -3.74 7.63 -43.71
CA ALA C 84 -4.59 8.10 -42.63
C ALA C 84 -3.77 8.91 -41.64
N THR C 85 -4.47 9.43 -40.63
CA THR C 85 -3.88 10.03 -39.45
C THR C 85 -4.36 9.27 -38.23
N TYR C 86 -3.45 8.51 -37.61
CA TYR C 86 -3.83 7.54 -36.60
C TYR C 86 -3.81 8.18 -35.23
N TYR C 87 -5.00 8.53 -34.74
CA TYR C 87 -5.16 9.26 -33.49
C TYR C 87 -5.32 8.28 -32.35
N CYS C 88 -4.80 8.66 -31.18
CA CYS C 88 -4.78 7.80 -30.01
C CYS C 88 -5.35 8.55 -28.81
N GLN C 89 -6.06 7.81 -27.94
CA GLN C 89 -6.90 8.35 -26.88
C GLN C 89 -6.44 7.88 -25.51
N GLN C 90 -6.19 8.84 -24.63
CA GLN C 90 -5.97 8.58 -23.22
C GLN C 90 -7.29 8.34 -22.51
N GLY C 91 -7.32 7.33 -21.66
CA GLY C 91 -8.56 6.94 -21.02
C GLY C 91 -8.48 6.54 -19.56
N GLN C 92 -7.46 7.01 -18.86
CA GLN C 92 -7.37 6.75 -17.43
C GLN C 92 -8.24 7.74 -16.65
N THR C 93 -8.04 9.04 -16.84
CA THR C 93 -8.57 10.04 -15.93
C THR C 93 -9.59 10.93 -16.62
N TYR C 94 -10.07 11.91 -15.85
CA TYR C 94 -10.75 13.04 -16.45
C TYR C 94 -9.88 14.29 -16.29
N PRO C 95 -9.78 15.12 -17.34
CA PRO C 95 -10.45 15.01 -18.64
C PRO C 95 -9.76 14.07 -19.60
N PHE C 96 -10.49 13.64 -20.63
CA PHE C 96 -9.89 12.92 -21.74
C PHE C 96 -8.93 13.83 -22.49
N THR C 97 -7.99 13.24 -23.20
CA THR C 97 -7.14 13.96 -24.14
C THR C 97 -6.98 13.13 -25.40
N PHE C 98 -6.77 13.80 -26.51
CA PHE C 98 -6.29 13.20 -27.75
C PHE C 98 -4.87 13.68 -28.02
N GLY C 99 -4.35 13.30 -29.17
CA GLY C 99 -2.99 13.66 -29.55
C GLY C 99 -2.93 14.38 -30.88
N GLY C 100 -1.69 14.75 -31.25
CA GLY C 100 -1.48 15.56 -32.44
C GLY C 100 -1.71 14.83 -33.75
N GLY C 101 -1.40 13.53 -33.79
CA GLY C 101 -1.59 12.77 -35.01
C GLY C 101 -0.30 12.46 -35.73
N THR C 102 -0.42 11.87 -36.92
CA THR C 102 0.71 11.51 -37.74
C THR C 102 0.27 11.45 -39.20
N LYS C 103 1.21 11.56 -40.12
CA LYS C 103 0.87 11.49 -41.53
C LYS C 103 1.58 10.33 -42.21
N LEU C 104 0.81 9.48 -42.87
CA LEU C 104 1.29 8.27 -43.53
C LEU C 104 0.94 8.29 -45.00
N GLU C 105 1.96 8.31 -45.86
CA GLU C 105 1.79 8.49 -47.29
C GLU C 105 2.32 7.27 -48.04
N ILE C 106 1.82 7.12 -49.28
CA ILE C 106 2.43 6.20 -50.24
C ILE C 106 3.65 6.90 -50.83
N LYS C 107 4.82 6.29 -50.64
CA LYS C 107 6.04 6.81 -51.23
C LYS C 107 6.25 6.15 -52.58
C1 NAG D . -9.33 -16.24 16.46
C2 NAG D . -10.76 -16.44 15.93
C3 NAG D . -11.39 -15.09 15.56
C4 NAG D . -11.22 -14.07 16.68
C5 NAG D . -9.76 -13.97 17.07
C6 NAG D . -9.48 -13.01 18.21
C7 NAG D . -11.43 -18.47 14.74
C8 NAG D . -11.36 -19.22 13.44
N2 NAG D . -10.77 -17.31 14.78
O3 NAG D . -12.77 -15.26 15.27
O4 NAG D . -11.71 -12.79 16.28
O5 NAG D . -9.32 -15.26 17.51
O6 NAG D . -8.18 -12.45 18.11
O7 NAG D . -12.05 -18.92 15.69
C1 NAG E . 13.97 9.34 34.62
C2 NAG E . 15.19 10.25 34.48
C3 NAG E . 14.82 11.52 33.72
C4 NAG E . 14.13 11.18 32.41
C5 NAG E . 12.97 10.21 32.65
C6 NAG E . 12.31 9.71 31.38
C7 NAG E . 15.22 11.16 36.83
C8 NAG E . 16.11 11.34 38.02
N2 NAG E . 15.80 10.56 35.78
O3 NAG E . 16.02 12.26 33.43
O4 NAG E . 13.61 12.35 31.80
O5 NAG E . 13.45 9.04 33.32
O6 NAG E . 11.94 10.80 30.56
O7 NAG E . 14.05 11.54 36.84
C1 NAG F . 44.00 18.40 44.47
C2 NAG F . 45.09 19.49 44.44
C3 NAG F . 45.24 20.12 43.04
C4 NAG F . 45.37 19.03 41.97
C5 NAG F . 44.20 18.08 42.06
C6 NAG F . 44.25 16.96 41.04
C7 NAG F . 43.89 21.38 45.58
C8 NAG F . 43.97 22.32 46.74
N2 NAG F . 44.91 20.51 45.48
O3 NAG F . 46.38 20.97 43.02
O4 NAG F . 45.41 19.63 40.68
O5 NAG F . 44.19 17.47 43.36
O6 NAG F . 43.21 16.01 41.27
O7 NAG F . 42.94 21.41 44.79
#